data_9ETQ
#
_entry.id   9ETQ
#
_cell.length_a   48.234
_cell.length_b   92.535
_cell.length_c   163.544
_cell.angle_alpha   90.00
_cell.angle_beta   90.00
_cell.angle_gamma   90.00
#
_symmetry.space_group_name_H-M   'P 21 21 21'
#
loop_
_entity.id
_entity.type
_entity.pdbx_description
1 polymer 'Poly [ADP-ribose] polymerase 1'
2 non-polymer 5-[4-[(7-ethyl-6-oxidanylidene-5~{H}-1,5-naphthyridin-3-yl)methyl]piperazin-1-yl]-~{N}-methyl-pyridine-2-carboxamide
3 non-polymer 'SULFATE ION'
4 water water
#
_entity_poly.entity_id   1
_entity_poly.type   'polypeptide(L)'
_entity_poly.pdbx_seq_one_letter_code
;GSKSKLPKPVQDLIKMIFDVESMKKAMVEYEIDLQKMPLGKLSKRQIQAAYSILSEVQQAVSQGSSDSQILDLSNRFYTL
IPHDFGMKKPPLLNNADSVQAKAEMLDNLLDIEVAYSLLRGGSDDSSKDPIDVNYEKLKTDIKVVDRDSEEAEIIRKYVK
NTHATTHNAYDLEVIDIFKIEREGECQRYKPFKQLHNRRLLWHGSRTTNFAGILSQGLRIAPPEAPVTGYMFGKGIYFAD
MVSKSANYCHTSQGDPIGLILLGEVALGNMYELKHASHISKLPKGKHSVKGLGKTTPDPSANISLDGVDVPLGTGISSGV
NDTSLLYNEYIVYDIAQVNLKYLLKLKFNFKT
;
_entity_poly.pdbx_strand_id   A,B
#
# COMPACT_ATOMS: atom_id res chain seq x y z
N LYS A 3 32.94 9.67 41.62
CA LYS A 3 32.93 10.29 40.30
C LYS A 3 33.33 9.29 39.22
N SER A 4 32.57 9.26 38.12
CA SER A 4 32.77 8.34 37.00
C SER A 4 34.14 8.43 36.36
N LYS A 5 34.69 7.26 35.98
CA LYS A 5 35.98 7.14 35.26
C LYS A 5 35.70 6.98 33.76
N LEU A 6 34.40 6.97 33.37
CA LEU A 6 34.02 6.87 31.96
C LEU A 6 34.57 8.06 31.15
N PRO A 7 34.99 7.83 29.89
CA PRO A 7 35.43 8.97 29.06
C PRO A 7 34.33 10.04 29.01
N LYS A 8 34.72 11.33 29.01
CA LYS A 8 33.77 12.46 28.99
C LYS A 8 32.74 12.36 27.83
N PRO A 9 33.08 11.97 26.57
CA PRO A 9 32.02 11.83 25.54
C PRO A 9 30.96 10.78 25.90
N VAL A 10 31.37 9.69 26.58
CA VAL A 10 30.42 8.64 27.02
C VAL A 10 29.49 9.21 28.12
N GLN A 11 30.05 9.97 29.05
CA GLN A 11 29.28 10.58 30.14
C GLN A 11 28.24 11.55 29.57
N ASP A 12 28.64 12.38 28.59
CA ASP A 12 27.74 13.34 27.93
C ASP A 12 26.63 12.58 27.18
N LEU A 13 26.97 11.44 26.54
CA LEU A 13 25.97 10.60 25.87
C LEU A 13 24.92 10.10 26.86
N ILE A 14 25.36 9.53 28.01
CA ILE A 14 24.43 9.03 29.03
C ILE A 14 23.50 10.15 29.53
N LYS A 15 24.07 11.33 29.84
CA LYS A 15 23.28 12.48 30.33
C LYS A 15 22.19 12.84 29.31
N MET A 16 22.57 12.91 28.01
CA MET A 16 21.66 13.23 26.90
C MET A 16 20.47 12.26 26.85
N ILE A 17 20.76 10.96 26.81
CA ILE A 17 19.73 9.97 26.56
C ILE A 17 18.84 9.70 27.78
N PHE A 18 19.33 9.98 29.00
CA PHE A 18 18.50 9.76 30.19
C PHE A 18 17.84 11.04 30.70
N ASP A 19 17.88 12.13 29.89
CA ASP A 19 17.30 13.43 30.27
C ASP A 19 15.77 13.36 30.28
N VAL A 20 15.16 13.49 31.48
CA VAL A 20 13.69 13.44 31.69
C VAL A 20 12.98 14.62 31.03
N GLU A 21 13.56 15.83 31.12
CA GLU A 21 12.92 17.00 30.50
C GLU A 21 12.83 16.87 28.97
N SER A 22 13.82 16.19 28.34
CA SER A 22 13.80 15.91 26.92
C SER A 22 12.65 14.94 26.58
N MET A 23 12.43 13.92 27.43
CA MET A 23 11.30 12.96 27.24
C MET A 23 9.97 13.70 27.32
N LYS A 24 9.80 14.62 28.31
CA LYS A 24 8.57 15.43 28.44
C LYS A 24 8.39 16.34 27.20
N LYS A 25 9.49 16.97 26.73
CA LYS A 25 9.48 17.80 25.52
C LYS A 25 8.97 16.99 24.30
N ALA A 26 9.46 15.74 24.14
CA ALA A 26 9.05 14.87 23.04
C ALA A 26 7.54 14.59 23.09
N MET A 27 7.00 14.38 24.30
CA MET A 27 5.57 14.11 24.48
C MET A 27 4.71 15.34 24.19
N VAL A 28 5.20 16.56 24.56
CA VAL A 28 4.49 17.82 24.26
C VAL A 28 4.44 18.04 22.73
N GLU A 29 5.55 17.70 22.02
CA GLU A 29 5.66 17.82 20.55
C GLU A 29 4.59 16.94 19.85
N TYR A 30 4.16 15.91 20.55
CA TYR A 30 3.12 14.96 20.10
C TYR A 30 1.74 15.39 20.42
N GLU A 31 1.62 16.54 21.10
CA GLU A 31 0.40 17.16 21.59
C GLU A 31 -0.27 16.29 22.65
N ILE A 32 0.55 15.50 23.38
CA ILE A 32 0.07 14.68 24.49
C ILE A 32 -0.20 15.58 25.70
N ASP A 33 -1.33 15.37 26.37
CA ASP A 33 -1.63 16.13 27.56
C ASP A 33 -0.91 15.50 28.77
N LEU A 34 0.21 16.13 29.23
CA LEU A 34 1.01 15.62 30.35
C LEU A 34 0.31 15.67 31.71
N GLN A 35 -0.74 16.47 31.87
CA GLN A 35 -1.50 16.53 33.13
C GLN A 35 -2.35 15.24 33.24
N LYS A 36 -2.89 14.77 32.10
CA LYS A 36 -3.71 13.56 32.03
C LYS A 36 -2.85 12.29 31.85
N MET A 37 -1.77 12.36 31.04
N MET A 37 -1.76 12.37 31.03
CA MET A 37 -0.86 11.24 30.78
CA MET A 37 -0.85 11.28 30.72
C MET A 37 0.61 11.64 30.97
C MET A 37 0.62 11.68 30.97
N PRO A 38 1.10 11.75 32.23
CA PRO A 38 2.51 12.10 32.43
C PRO A 38 3.40 10.91 32.03
N LEU A 39 4.70 11.17 31.90
CA LEU A 39 5.70 10.15 31.57
C LEU A 39 5.54 8.92 32.44
N GLY A 40 5.31 9.13 33.74
CA GLY A 40 5.20 8.04 34.70
C GLY A 40 4.01 7.13 34.52
N LYS A 41 2.97 7.60 33.82
CA LYS A 41 1.73 6.82 33.65
C LYS A 41 1.66 6.07 32.34
N LEU A 42 2.66 6.26 31.45
CA LEU A 42 2.75 5.59 30.16
C LEU A 42 3.03 4.11 30.44
N SER A 43 2.27 3.21 29.75
CA SER A 43 2.48 1.77 29.91
C SER A 43 2.32 1.09 28.56
N LYS A 44 2.98 -0.06 28.38
CA LYS A 44 2.92 -0.84 27.15
C LYS A 44 1.47 -1.24 26.84
N ARG A 45 0.66 -1.66 27.88
CA ARG A 45 -0.72 -2.07 27.60
C ARG A 45 -1.60 -0.91 27.09
N GLN A 46 -1.36 0.35 27.57
CA GLN A 46 -2.12 1.52 27.10
C GLN A 46 -1.71 1.85 25.67
N ILE A 47 -0.40 1.82 25.37
CA ILE A 47 0.10 2.07 24.00
C ILE A 47 -0.44 0.98 23.03
N GLN A 48 -0.34 -0.29 23.43
CA GLN A 48 -0.83 -1.39 22.61
C GLN A 48 -2.34 -1.29 22.31
N ALA A 49 -3.14 -0.84 23.31
CA ALA A 49 -4.58 -0.64 23.15
C ALA A 49 -4.83 0.51 22.16
N ALA A 50 -4.03 1.60 22.23
CA ALA A 50 -4.14 2.73 21.31
C ALA A 50 -3.82 2.27 19.87
N TYR A 51 -2.79 1.40 19.69
CA TYR A 51 -2.48 0.85 18.38
C TYR A 51 -3.69 0.07 17.81
N SER A 52 -4.37 -0.72 18.66
CA SER A 52 -5.55 -1.52 18.26
C SER A 52 -6.66 -0.61 17.78
N ILE A 53 -6.89 0.51 18.48
CA ILE A 53 -7.89 1.50 18.08
C ILE A 53 -7.50 2.11 16.73
N LEU A 54 -6.19 2.40 16.53
CA LEU A 54 -5.68 2.94 15.26
C LEU A 54 -5.98 1.94 14.13
N SER A 55 -5.82 0.63 14.42
CA SER A 55 -6.12 -0.43 13.45
C SER A 55 -7.60 -0.44 13.07
N GLU A 56 -8.49 -0.18 14.05
CA GLU A 56 -9.93 -0.10 13.80
C GLU A 56 -10.26 1.12 12.97
N VAL A 57 -9.63 2.29 13.32
CA VAL A 57 -9.84 3.54 12.57
C VAL A 57 -9.46 3.28 11.10
N GLN A 58 -8.28 2.66 10.84
CA GLN A 58 -7.79 2.37 9.50
C GLN A 58 -8.70 1.44 8.70
N GLN A 59 -9.25 0.39 9.35
CA GLN A 59 -10.20 -0.52 8.71
C GLN A 59 -11.42 0.26 8.28
N ALA A 60 -11.91 1.17 9.14
CA ALA A 60 -13.05 2.03 8.84
C ALA A 60 -12.77 3.02 7.70
N VAL A 61 -11.54 3.57 7.62
CA VAL A 61 -11.20 4.54 6.55
C VAL A 61 -11.01 3.82 5.20
N SER A 62 -10.39 2.61 5.21
CA SER A 62 -10.15 1.83 3.99
C SER A 62 -11.47 1.30 3.38
N GLN A 63 -12.52 1.16 4.21
CA GLN A 63 -13.85 0.69 3.82
C GLN A 63 -14.83 1.83 3.45
N GLY A 64 -14.31 3.05 3.38
CA GLY A 64 -15.07 4.25 3.00
C GLY A 64 -16.17 4.66 3.95
N SER A 65 -15.92 4.64 5.26
CA SER A 65 -16.90 5.08 6.26
C SER A 65 -16.96 6.61 6.24
N SER A 66 -18.10 7.18 6.67
CA SER A 66 -18.28 8.65 6.72
C SER A 66 -17.59 9.25 7.95
N ASP A 67 -17.50 10.60 8.01
CA ASP A 67 -16.91 11.31 9.14
C ASP A 67 -17.72 11.10 10.42
N SER A 68 -19.08 11.04 10.29
CA SER A 68 -20.01 10.77 11.39
C SER A 68 -19.83 9.34 11.93
N GLN A 69 -19.49 8.40 11.04
CA GLN A 69 -19.26 6.99 11.37
C GLN A 69 -17.93 6.80 12.12
N ILE A 70 -16.86 7.40 11.59
CA ILE A 70 -15.50 7.32 12.13
C ILE A 70 -15.38 8.03 13.50
N LEU A 71 -16.11 9.15 13.72
CA LEU A 71 -16.04 9.96 14.95
C LEU A 71 -15.86 9.16 16.24
N ASP A 72 -16.69 8.11 16.47
CA ASP A 72 -16.60 7.30 17.68
C ASP A 72 -15.26 6.57 17.82
N LEU A 73 -14.71 6.06 16.70
CA LEU A 73 -13.41 5.36 16.62
C LEU A 73 -12.26 6.30 16.91
N SER A 74 -12.28 7.45 16.24
CA SER A 74 -11.28 8.50 16.40
C SER A 74 -11.24 8.98 17.85
N ASN A 75 -12.43 9.21 18.47
CA ASN A 75 -12.59 9.63 19.86
C ASN A 75 -12.03 8.58 20.84
N ARG A 76 -12.16 7.27 20.49
CA ARG A 76 -11.61 6.18 21.32
C ARG A 76 -10.08 6.30 21.48
N PHE A 77 -9.39 6.68 20.40
CA PHE A 77 -7.93 6.82 20.38
C PHE A 77 -7.52 7.90 21.37
N TYR A 78 -8.20 9.06 21.34
CA TYR A 78 -7.92 10.18 22.25
C TYR A 78 -8.24 9.87 23.70
N THR A 79 -9.17 8.94 23.95
CA THR A 79 -9.51 8.55 25.30
C THR A 79 -8.31 7.81 25.86
N LEU A 80 -7.72 6.90 25.05
CA LEU A 80 -6.57 6.08 25.49
C LEU A 80 -5.30 6.89 25.64
N ILE A 81 -5.01 7.77 24.67
CA ILE A 81 -3.82 8.64 24.68
C ILE A 81 -4.33 10.10 24.73
N PRO A 82 -4.57 10.63 25.93
CA PRO A 82 -5.12 12.00 26.03
C PRO A 82 -4.20 13.05 25.43
N HIS A 83 -4.78 13.83 24.52
CA HIS A 83 -4.13 14.92 23.80
C HIS A 83 -4.50 16.26 24.45
N ASP A 84 -3.66 17.29 24.24
CA ASP A 84 -3.80 18.62 24.82
C ASP A 84 -4.70 19.51 23.97
N PHE A 85 -6.05 19.42 24.14
CA PHE A 85 -6.95 20.25 23.32
C PHE A 85 -7.92 21.12 24.13
N GLY A 86 -7.71 21.15 25.44
CA GLY A 86 -8.54 21.89 26.40
C GLY A 86 -9.97 21.43 26.38
N MET A 87 -10.90 22.39 26.14
CA MET A 87 -12.34 22.15 26.09
C MET A 87 -12.88 22.12 24.66
N LYS A 88 -12.01 21.87 23.69
CA LYS A 88 -12.38 21.78 22.28
C LYS A 88 -12.40 20.31 21.84
N LYS A 89 -13.11 20.04 20.74
CA LYS A 89 -13.17 18.75 20.08
C LYS A 89 -11.77 18.49 19.43
N PRO A 90 -11.16 17.31 19.64
CA PRO A 90 -9.85 17.04 19.01
C PRO A 90 -9.99 16.85 17.49
N PRO A 91 -8.93 16.98 16.66
CA PRO A 91 -9.10 16.72 15.23
C PRO A 91 -9.47 15.27 14.89
N LEU A 92 -10.35 15.09 13.90
CA LEU A 92 -10.80 13.79 13.43
C LEU A 92 -9.68 13.00 12.73
N LEU A 93 -9.48 11.73 13.12
CA LEU A 93 -8.55 10.77 12.53
C LEU A 93 -9.44 10.01 11.54
N ASN A 94 -9.58 10.56 10.32
CA ASN A 94 -10.45 10.00 9.28
C ASN A 94 -9.73 9.60 8.01
N ASN A 95 -8.38 9.62 8.02
CA ASN A 95 -7.60 9.29 6.83
C ASN A 95 -6.31 8.51 7.14
N ALA A 96 -5.69 7.96 6.08
CA ALA A 96 -4.44 7.18 6.14
C ALA A 96 -3.29 7.98 6.73
N ASP A 97 -3.14 9.27 6.33
CA ASP A 97 -2.07 10.15 6.85
C ASP A 97 -2.15 10.37 8.37
N SER A 98 -3.37 10.60 8.88
CA SER A 98 -3.62 10.83 10.31
C SER A 98 -3.31 9.57 11.12
N VAL A 99 -3.65 8.39 10.57
CA VAL A 99 -3.39 7.10 11.23
C VAL A 99 -1.87 6.84 11.26
N GLN A 100 -1.19 7.08 10.13
CA GLN A 100 0.26 6.89 10.03
C GLN A 100 1.02 7.79 11.01
N ALA A 101 0.62 9.07 11.14
CA ALA A 101 1.28 10.00 12.08
C ALA A 101 1.12 9.46 13.53
N LYS A 102 -0.09 8.97 13.88
CA LYS A 102 -0.34 8.43 15.21
C LYS A 102 0.42 7.13 15.47
N ALA A 103 0.57 6.26 14.45
CA ALA A 103 1.32 5.00 14.59
C ALA A 103 2.80 5.32 14.87
N GLU A 104 3.34 6.34 14.16
CA GLU A 104 4.70 6.82 14.35
C GLU A 104 4.90 7.36 15.76
N MET A 105 3.95 8.16 16.28
CA MET A 105 4.01 8.69 17.64
C MET A 105 4.02 7.52 18.64
N LEU A 106 3.15 6.53 18.47
CA LEU A 106 3.13 5.40 19.40
C LEU A 106 4.42 4.59 19.41
N ASP A 107 5.06 4.40 18.21
CA ASP A 107 6.36 3.71 18.12
C ASP A 107 7.37 4.45 19.05
N ASN A 108 7.37 5.79 19.01
CA ASN A 108 8.25 6.57 19.86
C ASN A 108 7.95 6.44 21.36
N LEU A 109 6.67 6.37 21.71
CA LEU A 109 6.23 6.22 23.09
C LEU A 109 6.75 4.92 23.66
N LEU A 110 6.82 3.85 22.83
CA LEU A 110 7.38 2.58 23.27
C LEU A 110 8.85 2.69 23.72
N ASP A 111 9.68 3.49 23.00
CA ASP A 111 11.07 3.67 23.43
C ASP A 111 11.15 4.61 24.65
N ILE A 112 10.28 5.63 24.69
CA ILE A 112 10.24 6.58 25.83
C ILE A 112 9.86 5.81 27.12
N GLU A 113 8.88 4.88 27.02
CA GLU A 113 8.44 4.05 28.16
C GLU A 113 9.60 3.21 28.67
N VAL A 114 10.43 2.63 27.78
CA VAL A 114 11.61 1.84 28.19
C VAL A 114 12.61 2.70 28.97
N ALA A 115 12.92 3.90 28.44
CA ALA A 115 13.88 4.82 29.06
C ALA A 115 13.44 5.15 30.50
N TYR A 116 12.17 5.55 30.65
CA TYR A 116 11.62 5.91 31.95
C TYR A 116 11.56 4.72 32.92
N SER A 117 11.16 3.53 32.43
CA SER A 117 11.14 2.31 33.24
C SER A 117 12.55 1.96 33.76
N LEU A 118 13.61 2.23 32.96
CA LEU A 118 14.99 1.98 33.42
C LEU A 118 15.36 2.92 34.56
N LEU A 119 14.98 4.19 34.41
CA LEU A 119 15.27 5.15 35.47
C LEU A 119 14.54 4.84 36.77
N ARG A 120 13.36 4.27 36.67
CA ARG A 120 12.54 4.06 37.85
C ARG A 120 12.65 2.71 38.50
N GLY A 121 13.09 1.70 37.75
CA GLY A 121 13.12 0.32 38.23
C GLY A 121 14.36 -0.20 38.92
N GLY A 122 15.35 0.63 39.17
CA GLY A 122 16.55 0.09 39.81
C GLY A 122 16.66 0.39 41.28
N SER A 123 17.90 0.60 41.68
CA SER A 123 18.29 0.91 43.05
C SER A 123 18.85 2.34 43.13
N ASP A 124 18.78 2.93 44.32
CA ASP A 124 19.30 4.25 44.62
C ASP A 124 20.46 4.19 45.61
N ASP A 125 21.64 4.63 45.16
CA ASP A 125 22.86 4.65 45.95
C ASP A 125 23.57 5.95 45.62
N SER A 126 23.53 6.90 46.57
CA SER A 126 24.14 8.23 46.47
C SER A 126 25.66 8.20 46.39
N SER A 127 26.29 7.11 46.86
CA SER A 127 27.76 6.97 46.84
C SER A 127 28.28 6.71 45.42
N LYS A 128 27.38 6.31 44.46
CA LYS A 128 27.77 6.03 43.06
C LYS A 128 27.42 7.21 42.18
N ASP A 129 28.22 7.45 41.13
CA ASP A 129 27.92 8.53 40.19
C ASP A 129 26.68 8.07 39.40
N PRO A 130 25.58 8.88 39.34
CA PRO A 130 24.37 8.45 38.59
C PRO A 130 24.67 8.14 37.11
N ILE A 131 25.75 8.75 36.55
CA ILE A 131 26.18 8.51 35.16
C ILE A 131 26.60 7.03 35.03
N ASP A 132 27.39 6.52 35.99
CA ASP A 132 27.80 5.10 35.99
C ASP A 132 26.60 4.19 36.22
N VAL A 133 25.69 4.57 37.13
CA VAL A 133 24.48 3.79 37.41
C VAL A 133 23.67 3.67 36.11
N ASN A 134 23.41 4.79 35.45
CA ASN A 134 22.63 4.80 34.21
C ASN A 134 23.34 4.07 33.05
N TYR A 135 24.68 4.21 32.95
CA TYR A 135 25.45 3.51 31.92
C TYR A 135 25.20 1.99 32.06
N GLU A 136 25.28 1.45 33.29
CA GLU A 136 25.10 0.01 33.50
C GLU A 136 23.73 -0.50 33.08
N LYS A 137 22.69 0.36 33.18
CA LYS A 137 21.31 -0.03 32.79
C LYS A 137 21.17 -0.34 31.32
N LEU A 138 22.07 0.19 30.49
CA LEU A 138 22.02 -0.02 29.04
C LEU A 138 22.52 -1.40 28.59
N LYS A 139 23.28 -2.13 29.47
CA LYS A 139 23.86 -3.45 29.18
C LYS A 139 24.52 -3.44 27.76
N THR A 140 25.31 -2.37 27.50
CA THR A 140 25.97 -2.10 26.24
C THR A 140 27.36 -1.58 26.55
N ASP A 141 28.37 -2.18 25.93
CA ASP A 141 29.72 -1.65 26.07
C ASP A 141 29.82 -0.49 25.08
N ILE A 142 30.20 0.70 25.57
CA ILE A 142 30.34 1.90 24.73
C ILE A 142 31.78 2.37 24.82
N LYS A 143 32.48 2.38 23.68
CA LYS A 143 33.87 2.85 23.65
C LYS A 143 33.97 4.00 22.67
N VAL A 144 34.87 4.94 22.93
CA VAL A 144 35.11 6.05 22.01
C VAL A 144 36.05 5.55 20.92
N VAL A 145 35.70 5.79 19.66
CA VAL A 145 36.55 5.41 18.53
C VAL A 145 37.59 6.53 18.36
N ASP A 146 38.88 6.18 18.28
CA ASP A 146 39.98 7.13 18.09
C ASP A 146 39.79 7.85 16.76
N ARG A 147 39.83 9.19 16.78
CA ARG A 147 39.64 10.06 15.63
C ARG A 147 40.59 9.74 14.47
N ASP A 148 41.83 9.31 14.76
CA ASP A 148 42.84 9.01 13.75
C ASP A 148 42.88 7.54 13.30
N SER A 149 41.88 6.74 13.70
CA SER A 149 41.81 5.32 13.31
C SER A 149 41.24 5.12 11.90
N GLU A 150 41.44 3.91 11.35
CA GLU A 150 40.94 3.49 10.05
C GLU A 150 39.40 3.44 10.04
N GLU A 151 38.78 2.92 11.12
CA GLU A 151 37.32 2.86 11.22
C GLU A 151 36.70 4.26 11.28
N ALA A 152 37.37 5.23 11.96
CA ALA A 152 36.90 6.62 12.04
C ALA A 152 36.93 7.31 10.67
N GLU A 153 38.03 7.12 9.90
CA GLU A 153 38.20 7.67 8.54
C GLU A 153 37.06 7.13 7.63
N ILE A 154 36.74 5.82 7.71
CA ILE A 154 35.69 5.21 6.91
C ILE A 154 34.33 5.82 7.24
N ILE A 155 34.02 5.91 8.56
CA ILE A 155 32.75 6.47 9.05
C ILE A 155 32.61 7.94 8.63
N ARG A 156 33.65 8.76 8.82
CA ARG A 156 33.60 10.16 8.42
C ARG A 156 33.36 10.30 6.91
N LYS A 157 33.99 9.41 6.10
CA LYS A 157 33.82 9.44 4.63
C LYS A 157 32.36 9.10 4.26
N TYR A 158 31.75 8.13 4.98
CA TYR A 158 30.37 7.71 4.78
C TYR A 158 29.45 8.92 5.07
N VAL A 159 29.72 9.66 6.17
CA VAL A 159 28.95 10.89 6.50
C VAL A 159 29.13 11.96 5.40
N LYS A 160 30.41 12.22 5.04
CA LYS A 160 30.78 13.25 4.09
C LYS A 160 30.21 13.03 2.69
N ASN A 161 30.12 11.76 2.23
CA ASN A 161 29.73 11.42 0.87
C ASN A 161 28.26 11.16 0.62
N THR A 162 27.47 10.89 1.65
CA THR A 162 26.07 10.47 1.43
C THR A 162 25.05 11.46 1.98
N HIS A 163 25.40 12.75 2.05
CA HIS A 163 24.41 13.77 2.41
C HIS A 163 23.69 14.20 1.11
N ALA A 164 22.39 13.88 0.97
CA ALA A 164 21.63 14.22 -0.25
C ALA A 164 21.52 15.73 -0.50
N THR A 165 21.61 16.12 -1.79
CA THR A 165 21.42 17.51 -2.20
C THR A 165 20.03 18.02 -1.77
N THR A 166 19.00 17.16 -1.83
CA THR A 166 17.64 17.54 -1.42
C THR A 166 17.50 17.76 0.11
N HIS A 167 18.55 17.42 0.88
CA HIS A 167 18.53 17.58 2.36
C HIS A 167 19.54 18.69 2.74
N ASN A 168 19.73 19.66 1.84
CA ASN A 168 20.72 20.72 2.01
C ASN A 168 20.32 21.88 2.97
N ALA A 169 19.16 21.80 3.66
CA ALA A 169 18.79 22.85 4.66
C ALA A 169 19.75 22.81 5.87
N TYR A 170 20.49 21.70 6.07
CA TYR A 170 21.48 21.60 7.13
C TYR A 170 22.73 20.87 6.63
N ASP A 171 23.83 20.97 7.36
CA ASP A 171 24.98 20.12 7.13
C ASP A 171 25.33 19.41 8.44
N LEU A 172 26.14 18.36 8.35
CA LEU A 172 26.46 17.55 9.54
C LEU A 172 27.91 17.60 9.89
N GLU A 173 28.17 17.64 11.19
CA GLU A 173 29.51 17.64 11.75
C GLU A 173 29.53 16.50 12.78
N VAL A 174 30.46 15.54 12.61
CA VAL A 174 30.57 14.39 13.53
C VAL A 174 31.30 14.88 14.77
N ILE A 175 30.66 14.78 15.94
CA ILE A 175 31.27 15.17 17.22
C ILE A 175 32.03 13.99 17.84
N ASP A 176 31.34 12.87 18.04
CA ASP A 176 31.92 11.68 18.64
C ASP A 176 31.45 10.46 17.88
N ILE A 177 32.33 9.47 17.78
CA ILE A 177 32.01 8.18 17.19
C ILE A 177 32.20 7.17 18.31
N PHE A 178 31.15 6.41 18.60
CA PHE A 178 31.21 5.37 19.62
C PHE A 178 31.09 4.01 18.97
N LYS A 179 31.84 3.04 19.49
CA LYS A 179 31.76 1.65 19.06
C LYS A 179 30.88 1.03 20.16
N ILE A 180 29.78 0.38 19.76
CA ILE A 180 28.80 -0.16 20.70
C ILE A 180 28.65 -1.67 20.55
N GLU A 181 28.44 -2.34 21.68
CA GLU A 181 28.22 -3.77 21.73
C GLU A 181 27.14 -4.05 22.77
N ARG A 182 25.92 -4.28 22.27
CA ARG A 182 24.79 -4.63 23.14
C ARG A 182 24.97 -6.07 23.60
N GLU A 183 24.80 -6.33 24.91
CA GLU A 183 24.94 -7.67 25.48
C GLU A 183 23.97 -8.64 24.80
N GLY A 184 24.48 -9.79 24.34
CA GLY A 184 23.69 -10.84 23.70
C GLY A 184 23.38 -10.63 22.22
N GLU A 185 23.70 -9.44 21.68
CA GLU A 185 23.37 -9.19 20.27
C GLU A 185 24.21 -10.02 19.28
N CYS A 186 25.51 -10.15 19.56
CA CYS A 186 26.43 -10.96 18.75
C CYS A 186 25.92 -12.43 18.68
N GLN A 187 25.49 -13.01 19.83
CA GLN A 187 24.94 -14.37 19.88
C GLN A 187 23.66 -14.46 19.08
N ARG A 188 22.79 -13.45 19.20
CA ARG A 188 21.49 -13.39 18.51
C ARG A 188 21.69 -13.35 16.97
N TYR A 189 22.73 -12.62 16.55
CA TYR A 189 23.06 -12.40 15.14
C TYR A 189 23.75 -13.58 14.44
N LYS A 190 24.31 -14.55 15.22
CA LYS A 190 25.09 -15.69 14.72
C LYS A 190 24.48 -16.42 13.49
N PRO A 191 23.16 -16.76 13.41
CA PRO A 191 22.65 -17.42 12.19
C PRO A 191 22.79 -16.59 10.91
N PHE A 192 22.90 -15.26 11.06
CA PHE A 192 22.98 -14.32 9.94
C PHE A 192 24.38 -13.74 9.70
N LYS A 193 25.36 -14.08 10.56
CA LYS A 193 26.72 -13.51 10.53
C LYS A 193 27.50 -13.80 9.22
N GLN A 194 27.13 -14.83 8.47
CA GLN A 194 27.83 -15.17 7.22
C GLN A 194 26.92 -15.05 5.99
N LEU A 195 25.69 -14.52 6.18
CA LEU A 195 24.73 -14.31 5.10
C LEU A 195 25.33 -13.39 4.06
N HIS A 196 24.93 -13.57 2.81
CA HIS A 196 25.45 -12.68 1.77
C HIS A 196 24.72 -11.36 1.91
N ASN A 197 25.28 -10.31 1.31
CA ASN A 197 24.70 -8.99 1.31
C ASN A 197 24.55 -8.37 2.72
N ARG A 198 25.61 -8.45 3.51
CA ARG A 198 25.63 -7.79 4.82
C ARG A 198 26.12 -6.37 4.54
N ARG A 199 25.40 -5.36 5.05
CA ARG A 199 25.69 -3.96 4.74
C ARG A 199 25.70 -3.11 5.98
N LEU A 200 26.56 -2.09 6.01
CA LEU A 200 26.63 -1.18 7.15
C LEU A 200 25.72 0.00 6.78
N LEU A 201 24.58 0.09 7.47
CA LEU A 201 23.55 1.07 7.14
C LEU A 201 23.18 1.96 8.33
N TRP A 202 22.59 3.10 8.00
CA TRP A 202 22.21 4.14 8.95
C TRP A 202 20.83 3.94 9.54
N HIS A 203 20.66 4.35 10.78
CA HIS A 203 19.33 4.38 11.41
C HIS A 203 19.36 5.56 12.39
N GLY A 204 18.60 6.60 12.05
CA GLY A 204 18.44 7.81 12.86
C GLY A 204 17.22 7.66 13.75
N SER A 205 17.25 8.32 14.89
CA SER A 205 16.12 8.34 15.83
C SER A 205 16.24 9.55 16.75
N ARG A 206 15.15 9.92 17.40
CA ARG A 206 15.23 11.05 18.35
C ARG A 206 16.12 10.66 19.55
N THR A 207 16.80 11.65 20.17
CA THR A 207 17.69 11.36 21.29
C THR A 207 16.96 10.59 22.41
N THR A 208 15.66 10.91 22.63
CA THR A 208 14.75 10.29 23.60
C THR A 208 14.46 8.80 23.32
N ASN A 209 14.87 8.26 22.15
CA ASN A 209 14.69 6.84 21.81
C ASN A 209 15.92 5.99 22.18
N PHE A 210 17.09 6.63 22.35
CA PHE A 210 18.34 5.88 22.48
C PHE A 210 18.54 5.07 23.76
N ALA A 211 17.92 5.43 24.89
CA ALA A 211 18.06 4.55 26.06
C ALA A 211 17.32 3.24 25.72
N GLY A 212 16.18 3.35 25.02
CA GLY A 212 15.39 2.21 24.58
C GLY A 212 16.14 1.36 23.57
N ILE A 213 16.75 2.02 22.56
CA ILE A 213 17.50 1.32 21.52
C ILE A 213 18.71 0.61 22.10
N LEU A 214 19.52 1.29 22.93
CA LEU A 214 20.69 0.62 23.51
C LEU A 214 20.29 -0.52 24.46
N SER A 215 19.24 -0.31 25.27
CA SER A 215 18.77 -1.36 26.18
C SER A 215 18.17 -2.58 25.45
N GLN A 216 17.20 -2.33 24.54
CA GLN A 216 16.41 -3.37 23.89
C GLN A 216 16.74 -3.67 22.43
N GLY A 217 17.62 -2.87 21.83
CA GLY A 217 17.98 -2.98 20.42
C GLY A 217 16.91 -2.36 19.56
N LEU A 218 17.12 -2.35 18.24
CA LEU A 218 16.08 -1.91 17.31
C LEU A 218 14.98 -2.95 17.30
N ARG A 219 13.73 -2.53 17.37
CA ARG A 219 12.59 -3.43 17.48
C ARG A 219 11.53 -3.07 16.45
N ILE A 220 10.59 -3.99 16.25
CA ILE A 220 9.50 -3.83 15.28
C ILE A 220 8.23 -3.45 16.05
N ALA A 221 7.40 -2.53 15.49
CA ALA A 221 6.14 -2.14 16.11
C ALA A 221 5.33 -3.44 16.44
N PRO A 222 4.61 -3.47 17.59
CA PRO A 222 3.94 -4.72 18.02
C PRO A 222 2.81 -5.20 17.13
N PRO A 223 2.31 -6.46 17.31
CA PRO A 223 1.20 -6.96 16.47
C PRO A 223 -0.02 -6.03 16.39
N GLU A 224 -0.35 -5.32 17.48
CA GLU A 224 -1.50 -4.37 17.49
C GLU A 224 -1.38 -3.21 16.51
N ALA A 225 -0.14 -2.80 16.19
CA ALA A 225 0.12 -1.70 15.29
C ALA A 225 -0.47 -1.94 13.88
N PRO A 226 -1.07 -0.93 13.24
CA PRO A 226 -1.63 -1.14 11.89
C PRO A 226 -0.51 -1.29 10.85
N VAL A 227 -0.48 -2.41 10.13
CA VAL A 227 0.54 -2.65 9.10
C VAL A 227 0.53 -1.55 8.02
N THR A 228 -0.65 -0.93 7.79
CA THR A 228 -0.80 0.12 6.77
C THR A 228 -0.25 1.46 7.23
N GLY A 229 0.14 1.59 8.49
CA GLY A 229 0.74 2.83 8.98
C GLY A 229 2.21 2.97 8.64
N TYR A 230 2.80 1.95 7.93
CA TYR A 230 4.22 1.94 7.55
C TYR A 230 4.35 1.56 6.07
N MET A 231 5.15 2.31 5.32
CA MET A 231 5.28 2.14 3.87
C MET A 231 5.53 0.70 3.39
N PHE A 232 6.46 -0.01 4.06
CA PHE A 232 6.78 -1.42 3.78
C PHE A 232 6.42 -2.37 4.93
N GLY A 233 5.38 -2.01 5.67
CA GLY A 233 4.96 -2.86 6.76
C GLY A 233 5.83 -2.73 7.99
N LYS A 234 5.60 -3.59 8.94
CA LYS A 234 6.28 -3.54 10.21
C LYS A 234 7.62 -4.26 10.20
N GLY A 235 8.68 -3.47 10.14
CA GLY A 235 10.02 -4.01 10.18
C GLY A 235 10.95 -2.97 10.77
N ILE A 236 12.25 -3.18 10.60
CA ILE A 236 13.28 -2.22 11.05
C ILE A 236 13.82 -1.58 9.78
N TYR A 237 13.74 -0.25 9.67
CA TYR A 237 14.06 0.54 8.49
C TYR A 237 15.43 1.18 8.56
N PHE A 238 16.20 1.13 7.46
CA PHE A 238 17.55 1.70 7.39
C PHE A 238 17.74 2.45 6.08
N ALA A 239 18.74 3.30 6.02
CA ALA A 239 19.08 4.04 4.79
C ALA A 239 20.57 3.91 4.50
N ASP A 240 20.95 4.11 3.23
CA ASP A 240 22.37 4.15 2.84
C ASP A 240 22.84 5.60 2.63
N MET A 241 21.93 6.59 2.77
CA MET A 241 22.25 8.03 2.70
C MET A 241 22.16 8.58 4.14
N VAL A 242 23.27 9.12 4.69
CA VAL A 242 23.28 9.62 6.06
C VAL A 242 22.15 10.64 6.33
N SER A 243 21.90 11.56 5.38
CA SER A 243 20.88 12.61 5.55
C SER A 243 19.47 12.05 5.60
N LYS A 244 19.17 10.97 4.85
CA LYS A 244 17.84 10.37 4.90
C LYS A 244 17.56 9.87 6.35
N SER A 245 18.56 9.23 6.97
CA SER A 245 18.42 8.75 8.36
C SER A 245 18.53 9.93 9.38
N ALA A 246 19.39 10.93 9.12
CA ALA A 246 19.54 12.11 10.00
C ALA A 246 18.21 12.89 10.13
N ASN A 247 17.36 12.89 9.08
CA ASN A 247 16.05 13.54 9.18
C ASN A 247 15.18 12.93 10.30
N TYR A 248 15.39 11.64 10.60
CA TYR A 248 14.65 10.93 11.67
C TYR A 248 15.12 11.34 13.06
N CYS A 249 16.21 12.14 13.16
CA CYS A 249 16.67 12.64 14.48
C CYS A 249 15.72 13.73 14.99
N HIS A 250 15.05 14.46 14.07
CA HIS A 250 14.13 15.59 14.35
C HIS A 250 14.78 16.69 15.19
N THR A 251 16.02 17.03 14.81
CA THR A 251 16.78 18.11 15.42
C THR A 251 16.25 19.44 14.85
N SER A 252 16.56 20.55 15.50
CA SER A 252 16.13 21.89 15.10
C SER A 252 17.17 22.91 15.57
N GLN A 253 16.96 24.18 15.23
CA GLN A 253 17.82 25.30 15.67
C GLN A 253 17.88 25.32 17.21
N GLY A 254 16.74 25.07 17.86
CA GLY A 254 16.62 25.04 19.32
C GLY A 254 17.14 23.77 20.00
N ASP A 255 17.51 22.73 19.23
CA ASP A 255 18.04 21.44 19.72
C ASP A 255 18.85 20.79 18.57
N PRO A 256 20.10 21.29 18.28
CA PRO A 256 20.83 20.83 17.07
C PRO A 256 21.74 19.61 17.20
N ILE A 257 21.71 18.92 18.34
CA ILE A 257 22.56 17.75 18.52
C ILE A 257 21.71 16.51 18.38
N GLY A 258 22.12 15.62 17.49
CA GLY A 258 21.41 14.35 17.25
C GLY A 258 22.31 13.13 17.39
N LEU A 259 21.68 11.95 17.34
CA LEU A 259 22.35 10.66 17.45
C LEU A 259 21.89 9.80 16.29
N ILE A 260 22.83 9.09 15.70
CA ILE A 260 22.53 8.20 14.58
C ILE A 260 23.33 6.90 14.72
N LEU A 261 22.74 5.79 14.36
CA LEU A 261 23.38 4.47 14.42
C LEU A 261 23.92 4.02 13.09
N LEU A 262 24.99 3.22 13.14
CA LEU A 262 25.47 2.40 12.03
C LEU A 262 25.28 0.96 12.49
N GLY A 263 24.49 0.20 11.73
CA GLY A 263 24.21 -1.20 12.05
C GLY A 263 24.63 -2.11 10.91
N GLU A 264 25.11 -3.29 11.26
CA GLU A 264 25.41 -4.32 10.27
C GLU A 264 24.09 -5.02 10.07
N VAL A 265 23.56 -4.99 8.83
CA VAL A 265 22.26 -5.56 8.53
C VAL A 265 22.45 -6.70 7.54
N ALA A 266 21.97 -7.91 7.91
CA ALA A 266 22.08 -9.07 7.04
C ALA A 266 20.89 -9.05 6.08
N LEU A 267 21.10 -8.44 4.89
CA LEU A 267 20.04 -8.27 3.91
C LEU A 267 19.71 -9.52 3.10
N GLY A 268 20.71 -10.32 2.81
CA GLY A 268 20.56 -11.56 2.02
C GLY A 268 19.86 -11.31 0.70
N ASN A 269 18.87 -12.15 0.38
CA ASN A 269 18.11 -11.99 -0.85
C ASN A 269 17.05 -10.90 -0.70
N MET A 270 17.27 -9.76 -1.38
CA MET A 270 16.39 -8.59 -1.24
C MET A 270 15.14 -8.65 -2.11
N TYR A 271 13.99 -8.31 -1.53
CA TYR A 271 12.71 -8.18 -2.25
C TYR A 271 12.64 -6.70 -2.67
N GLU A 272 12.86 -6.44 -3.96
CA GLU A 272 12.99 -5.08 -4.47
C GLU A 272 11.65 -4.46 -4.83
N LEU A 273 11.34 -3.32 -4.19
CA LEU A 273 10.06 -2.63 -4.38
C LEU A 273 10.20 -1.15 -4.67
N LYS A 274 9.27 -0.62 -5.47
CA LYS A 274 9.29 0.80 -5.86
C LYS A 274 8.21 1.61 -5.18
N HIS A 275 7.18 0.93 -4.66
CA HIS A 275 6.00 1.58 -4.06
C HIS A 275 5.58 0.86 -2.80
N ALA A 276 4.70 1.48 -2.03
CA ALA A 276 4.24 0.94 -0.76
C ALA A 276 3.69 -0.46 -0.88
N SER A 277 4.08 -1.30 0.08
CA SER A 277 3.63 -2.68 0.17
C SER A 277 3.51 -2.96 1.66
N HIS A 278 2.28 -2.99 2.18
CA HIS A 278 2.03 -3.13 3.62
C HIS A 278 2.03 -4.61 3.97
N ILE A 279 3.21 -5.23 3.92
CA ILE A 279 3.36 -6.69 4.08
C ILE A 279 3.50 -7.12 5.52
N SER A 280 2.96 -8.30 5.83
CA SER A 280 3.03 -8.93 7.13
C SER A 280 4.30 -9.79 7.21
N LYS A 281 4.57 -10.56 6.15
CA LYS A 281 5.68 -11.50 6.00
C LYS A 281 6.36 -11.27 4.63
N LEU A 282 7.61 -11.77 4.47
CA LEU A 282 8.32 -11.68 3.18
C LEU A 282 7.96 -12.88 2.29
N PRO A 283 8.06 -12.72 0.95
CA PRO A 283 7.88 -13.88 0.06
C PRO A 283 8.98 -14.92 0.35
N LYS A 284 8.67 -16.21 0.11
CA LYS A 284 9.61 -17.31 0.34
C LYS A 284 10.99 -17.08 -0.30
N GLY A 285 12.06 -17.28 0.48
CA GLY A 285 13.43 -17.14 0.00
C GLY A 285 13.98 -15.72 0.14
N LYS A 286 13.11 -14.74 0.46
CA LYS A 286 13.56 -13.34 0.67
C LYS A 286 13.89 -13.09 2.14
N HIS A 287 14.90 -12.25 2.40
CA HIS A 287 15.35 -11.94 3.76
C HIS A 287 15.15 -10.48 4.15
N SER A 288 14.87 -9.61 3.15
CA SER A 288 14.69 -8.19 3.40
C SER A 288 13.94 -7.56 2.26
N VAL A 289 13.53 -6.31 2.45
CA VAL A 289 12.96 -5.50 1.38
C VAL A 289 13.96 -4.40 1.08
N LYS A 290 14.15 -4.09 -0.22
CA LYS A 290 14.92 -2.93 -0.64
C LYS A 290 13.93 -2.04 -1.40
N GLY A 291 13.66 -0.90 -0.82
CA GLY A 291 12.87 0.16 -1.44
C GLY A 291 13.84 0.86 -2.38
N LEU A 292 13.56 0.80 -3.68
CA LEU A 292 14.45 1.31 -4.73
C LEU A 292 14.37 2.80 -4.88
N GLY A 293 15.45 3.48 -4.55
CA GLY A 293 15.47 4.91 -4.73
C GLY A 293 15.93 5.29 -6.13
N LYS A 294 15.61 6.54 -6.53
CA LYS A 294 16.03 7.15 -7.79
C LYS A 294 17.56 7.36 -7.76
N THR A 295 18.10 7.65 -6.55
CA THR A 295 19.52 7.89 -6.32
C THR A 295 20.10 6.83 -5.41
N THR A 296 21.31 6.39 -5.70
CA THR A 296 22.02 5.40 -4.90
C THR A 296 23.48 5.83 -4.70
N PRO A 297 24.14 5.51 -3.56
CA PRO A 297 25.59 5.76 -3.47
C PRO A 297 26.26 4.95 -4.58
N ASP A 298 27.26 5.53 -5.27
CA ASP A 298 27.98 4.91 -6.39
C ASP A 298 28.50 3.50 -6.02
N PRO A 299 27.93 2.43 -6.63
CA PRO A 299 28.34 1.05 -6.27
C PRO A 299 29.81 0.69 -6.47
N SER A 300 30.54 1.42 -7.35
CA SER A 300 31.95 1.15 -7.60
C SER A 300 32.82 1.65 -6.45
N ALA A 301 32.27 2.56 -5.60
CA ALA A 301 32.99 3.12 -4.46
C ALA A 301 32.73 2.37 -3.14
N ASN A 302 31.93 1.29 -3.18
CA ASN A 302 31.66 0.42 -2.00
C ASN A 302 32.97 -0.13 -1.46
N ILE A 303 33.17 -0.03 -0.13
CA ILE A 303 34.37 -0.51 0.54
C ILE A 303 33.97 -1.54 1.61
N SER A 304 34.95 -2.22 2.19
CA SER A 304 34.72 -3.22 3.21
C SER A 304 35.33 -2.82 4.55
N LEU A 305 34.52 -2.97 5.63
CA LEU A 305 34.95 -2.71 7.00
C LEU A 305 34.59 -3.94 7.81
N ASP A 306 35.63 -4.73 8.18
CA ASP A 306 35.51 -6.00 8.92
C ASP A 306 34.55 -7.01 8.23
N GLY A 307 34.71 -7.15 6.90
CA GLY A 307 33.91 -8.04 6.07
C GLY A 307 32.51 -7.57 5.72
N VAL A 308 32.17 -6.33 6.10
CA VAL A 308 30.83 -5.79 5.81
C VAL A 308 30.93 -4.70 4.73
N ASP A 309 30.03 -4.72 3.74
CA ASP A 309 29.99 -3.70 2.68
C ASP A 309 29.51 -2.35 3.24
N VAL A 310 30.25 -1.31 2.95
CA VAL A 310 29.95 0.05 3.35
C VAL A 310 29.68 0.86 2.08
N PRO A 311 28.41 1.23 1.80
CA PRO A 311 28.09 1.95 0.55
C PRO A 311 28.35 3.45 0.68
N LEU A 312 29.63 3.84 0.77
CA LEU A 312 29.98 5.24 1.02
C LEU A 312 30.23 6.10 -0.25
N GLY A 313 29.86 5.62 -1.43
CA GLY A 313 30.05 6.40 -2.64
C GLY A 313 29.12 7.61 -2.71
N THR A 314 29.47 8.63 -3.51
CA THR A 314 28.60 9.81 -3.66
C THR A 314 27.35 9.39 -4.45
N GLY A 315 26.23 10.10 -4.22
CA GLY A 315 24.95 9.78 -4.83
C GLY A 315 24.94 9.93 -6.35
N ILE A 316 24.44 8.89 -7.05
CA ILE A 316 24.32 8.86 -8.52
C ILE A 316 22.96 8.27 -8.89
N SER A 317 22.54 8.42 -10.16
CA SER A 317 21.29 7.80 -10.62
C SER A 317 21.37 6.27 -10.49
N SER A 318 20.31 5.65 -9.94
CA SER A 318 20.21 4.19 -9.81
C SER A 318 19.81 3.54 -11.15
N GLY A 319 19.19 4.33 -12.02
CA GLY A 319 18.64 3.85 -13.28
C GLY A 319 17.23 3.34 -13.11
N VAL A 320 16.71 3.35 -11.85
CA VAL A 320 15.35 2.90 -11.56
C VAL A 320 14.40 4.02 -11.95
N ASN A 321 13.34 3.68 -12.70
CA ASN A 321 12.34 4.64 -13.16
C ASN A 321 11.02 4.43 -12.45
N ASP A 322 10.23 5.53 -12.32
CA ASP A 322 8.87 5.51 -11.75
C ASP A 322 8.83 4.86 -10.34
N THR A 323 9.61 5.44 -9.44
CA THR A 323 9.65 4.95 -8.05
C THR A 323 9.09 6.02 -7.14
N SER A 324 8.52 5.59 -6.00
CA SER A 324 8.00 6.52 -5.01
C SER A 324 9.16 7.08 -4.17
N LEU A 325 10.35 6.48 -4.27
CA LEU A 325 11.49 6.87 -3.43
C LEU A 325 12.58 7.65 -4.11
N LEU A 326 13.01 8.71 -3.46
CA LEU A 326 14.14 9.46 -3.93
C LEU A 326 15.43 8.73 -3.62
N TYR A 327 15.48 8.07 -2.42
CA TYR A 327 16.68 7.33 -1.96
C TYR A 327 16.32 5.94 -1.50
N ASN A 328 17.30 5.03 -1.47
CA ASN A 328 17.03 3.64 -1.05
C ASN A 328 16.60 3.57 0.39
N GLU A 329 15.95 2.48 0.73
CA GLU A 329 15.67 2.10 2.11
C GLU A 329 15.66 0.61 2.20
N TYR A 330 16.07 0.09 3.34
CA TYR A 330 16.23 -1.34 3.58
C TYR A 330 15.42 -1.70 4.80
N ILE A 331 14.65 -2.78 4.71
CA ILE A 331 13.80 -3.19 5.82
C ILE A 331 14.03 -4.68 6.13
N VAL A 332 14.24 -5.01 7.41
CA VAL A 332 14.32 -6.41 7.85
C VAL A 332 13.13 -6.69 8.77
N TYR A 333 12.64 -7.93 8.77
CA TYR A 333 11.41 -8.29 9.47
C TYR A 333 11.64 -9.26 10.63
N ASP A 334 12.92 -9.43 11.00
CA ASP A 334 13.39 -10.27 12.12
C ASP A 334 14.43 -9.42 12.81
N ILE A 335 14.22 -9.14 14.11
CA ILE A 335 15.14 -8.28 14.88
C ILE A 335 16.57 -8.86 14.97
N ALA A 336 16.69 -10.20 14.81
CA ALA A 336 17.99 -10.89 14.88
C ALA A 336 18.89 -10.58 13.66
N GLN A 337 18.35 -9.95 12.62
CA GLN A 337 19.11 -9.61 11.39
C GLN A 337 19.93 -8.31 11.50
N VAL A 338 19.97 -7.72 12.71
CA VAL A 338 20.66 -6.45 12.95
C VAL A 338 21.71 -6.64 14.05
N ASN A 339 22.91 -6.11 13.82
CA ASN A 339 23.96 -6.08 14.81
C ASN A 339 24.47 -4.62 14.85
N LEU A 340 24.05 -3.87 15.88
CA LEU A 340 24.47 -2.45 15.99
C LEU A 340 25.96 -2.38 16.23
N LYS A 341 26.65 -1.51 15.47
CA LYS A 341 28.10 -1.39 15.52
C LYS A 341 28.60 -0.07 16.03
N TYR A 342 28.01 1.03 15.56
CA TYR A 342 28.50 2.38 15.97
C TYR A 342 27.35 3.30 16.29
N LEU A 343 27.64 4.31 17.07
CA LEU A 343 26.71 5.35 17.43
C LEU A 343 27.46 6.68 17.25
N LEU A 344 26.89 7.58 16.45
CA LEU A 344 27.52 8.89 16.19
C LEU A 344 26.70 10.00 16.82
N LYS A 345 27.38 10.94 17.44
CA LYS A 345 26.80 12.16 17.96
C LYS A 345 27.10 13.23 16.92
N LEU A 346 26.04 13.83 16.35
CA LEU A 346 26.14 14.79 15.26
C LEU A 346 25.67 16.18 15.65
N LYS A 347 26.37 17.18 15.12
CA LYS A 347 25.98 18.57 15.26
C LYS A 347 25.33 18.95 13.94
N PHE A 348 24.06 19.37 13.98
CA PHE A 348 23.35 19.82 12.76
C PHE A 348 23.53 21.34 12.64
N ASN A 349 24.13 21.78 11.53
CA ASN A 349 24.31 23.21 11.31
C ASN A 349 23.24 23.62 10.29
N PHE A 350 22.20 24.29 10.77
CA PHE A 350 21.07 24.72 9.93
C PHE A 350 21.42 25.96 9.10
N LYS A 351 21.16 25.88 7.80
CA LYS A 351 21.47 26.93 6.80
C LYS A 351 20.30 27.90 6.62
N THR A 352 19.11 27.50 7.11
CA THR A 352 17.84 28.25 7.06
C THR A 352 17.71 29.22 8.22
N LYS B 3 -33.79 -8.72 -41.47
CA LYS B 3 -34.03 -8.88 -40.04
C LYS B 3 -33.22 -10.04 -39.46
N SER B 4 -32.55 -9.80 -38.33
CA SER B 4 -31.69 -10.76 -37.65
C SER B 4 -32.38 -12.07 -37.29
N LYS B 5 -31.66 -13.21 -37.45
CA LYS B 5 -32.16 -14.53 -37.05
C LYS B 5 -31.55 -14.90 -35.67
N LEU B 6 -30.73 -13.98 -35.09
CA LEU B 6 -30.12 -14.24 -33.79
C LEU B 6 -31.21 -14.48 -32.71
N PRO B 7 -30.95 -15.37 -31.72
CA PRO B 7 -31.94 -15.54 -30.63
C PRO B 7 -32.27 -14.17 -30.01
N LYS B 8 -33.56 -13.95 -29.67
CA LYS B 8 -34.00 -12.70 -29.05
C LYS B 8 -33.15 -12.28 -27.80
N PRO B 9 -32.75 -13.18 -26.85
CA PRO B 9 -31.91 -12.71 -25.73
C PRO B 9 -30.57 -12.15 -26.20
N VAL B 10 -29.97 -12.72 -27.28
CA VAL B 10 -28.70 -12.22 -27.83
C VAL B 10 -28.91 -10.82 -28.47
N GLN B 11 -30.02 -10.64 -29.21
CA GLN B 11 -30.35 -9.35 -29.85
C GLN B 11 -30.51 -8.26 -28.78
N ASP B 12 -31.21 -8.58 -27.67
CA ASP B 12 -31.40 -7.65 -26.54
C ASP B 12 -30.06 -7.30 -25.90
N LEU B 13 -29.15 -8.29 -25.80
CA LEU B 13 -27.80 -8.04 -25.27
C LEU B 13 -27.03 -7.06 -26.17
N ILE B 14 -27.07 -7.30 -27.49
CA ILE B 14 -26.40 -6.42 -28.46
C ILE B 14 -26.93 -4.99 -28.37
N LYS B 15 -28.26 -4.83 -28.29
CA LYS B 15 -28.86 -3.49 -28.19
C LYS B 15 -28.38 -2.77 -26.92
N MET B 16 -28.35 -3.48 -25.78
CA MET B 16 -27.91 -2.98 -24.47
C MET B 16 -26.49 -2.41 -24.54
N ILE B 17 -25.56 -3.24 -25.02
CA ILE B 17 -24.14 -2.88 -24.93
C ILE B 17 -23.72 -1.83 -25.98
N PHE B 18 -24.47 -1.71 -27.08
CA PHE B 18 -24.10 -0.71 -28.09
C PHE B 18 -24.94 0.58 -28.01
N ASP B 19 -25.72 0.73 -26.94
CA ASP B 19 -26.57 1.90 -26.71
C ASP B 19 -25.71 3.16 -26.44
N VAL B 20 -25.75 4.13 -27.37
CA VAL B 20 -25.00 5.40 -27.29
C VAL B 20 -25.50 6.28 -26.14
N GLU B 21 -26.82 6.35 -25.92
CA GLU B 21 -27.36 7.17 -24.84
C GLU B 21 -26.89 6.66 -23.46
N SER B 22 -26.68 5.33 -23.32
CA SER B 22 -26.13 4.74 -22.09
C SER B 22 -24.69 5.19 -21.89
N MET B 23 -23.88 5.24 -22.97
CA MET B 23 -22.49 5.72 -22.90
C MET B 23 -22.46 7.19 -22.42
N LYS B 24 -23.33 8.05 -23.00
CA LYS B 24 -23.45 9.47 -22.58
C LYS B 24 -23.89 9.58 -21.11
N LYS B 25 -24.87 8.74 -20.70
CA LYS B 25 -25.34 8.67 -19.31
C LYS B 25 -24.19 8.30 -18.34
N ALA B 26 -23.31 7.34 -18.72
CA ALA B 26 -22.17 6.95 -17.90
C ALA B 26 -21.21 8.13 -17.70
N MET B 27 -20.99 8.92 -18.76
CA MET B 27 -20.12 10.10 -18.69
C MET B 27 -20.72 11.21 -17.82
N VAL B 28 -22.05 11.40 -17.87
CA VAL B 28 -22.78 12.39 -17.03
C VAL B 28 -22.65 11.99 -15.56
N GLU B 29 -22.70 10.68 -15.26
CA GLU B 29 -22.56 10.13 -13.91
C GLU B 29 -21.19 10.49 -13.27
N TYR B 30 -20.15 10.67 -14.10
CA TYR B 30 -18.81 11.08 -13.64
C TYR B 30 -18.69 12.60 -13.55
N GLU B 31 -19.77 13.32 -13.91
CA GLU B 31 -19.85 14.79 -13.94
C GLU B 31 -18.95 15.36 -15.05
N ILE B 32 -18.80 14.58 -16.15
CA ILE B 32 -18.04 15.04 -17.31
C ILE B 32 -18.95 16.01 -18.09
N ASP B 33 -18.38 17.14 -18.55
CA ASP B 33 -19.14 18.12 -19.30
C ASP B 33 -19.24 17.68 -20.75
N LEU B 34 -20.42 17.13 -21.14
CA LEU B 34 -20.68 16.67 -22.50
C LEU B 34 -20.79 17.77 -23.56
N GLN B 35 -21.01 19.05 -23.13
CA GLN B 35 -21.05 20.16 -24.07
C GLN B 35 -19.62 20.46 -24.53
N LYS B 36 -18.65 20.37 -23.59
CA LYS B 36 -17.22 20.60 -23.85
C LYS B 36 -16.51 19.36 -24.38
N MET B 37 -16.87 18.19 -23.87
CA MET B 37 -16.28 16.95 -24.33
C MET B 37 -17.35 15.94 -24.70
N PRO B 38 -17.95 16.07 -25.90
CA PRO B 38 -18.94 15.06 -26.33
C PRO B 38 -18.25 13.73 -26.52
N LEU B 39 -19.03 12.64 -26.49
CA LEU B 39 -18.57 11.26 -26.63
C LEU B 39 -17.59 11.04 -27.80
N GLY B 40 -17.88 11.63 -28.95
CA GLY B 40 -17.05 11.54 -30.15
C GLY B 40 -15.67 12.16 -30.04
N LYS B 41 -15.45 13.04 -29.04
CA LYS B 41 -14.17 13.73 -28.81
C LYS B 41 -13.25 13.02 -27.81
N LEU B 42 -13.78 11.97 -27.13
CA LEU B 42 -13.01 11.16 -26.18
C LEU B 42 -11.93 10.43 -26.97
N SER B 43 -10.67 10.49 -26.52
CA SER B 43 -9.65 9.76 -27.27
C SER B 43 -8.76 8.98 -26.32
N LYS B 44 -8.13 7.89 -26.82
CA LYS B 44 -7.22 7.11 -26.00
C LYS B 44 -6.01 7.98 -25.59
N ARG B 45 -5.45 8.78 -26.51
CA ARG B 45 -4.30 9.64 -26.13
C ARG B 45 -4.68 10.68 -25.05
N GLN B 46 -5.91 11.20 -25.10
CA GLN B 46 -6.38 12.13 -24.07
C GLN B 46 -6.44 11.39 -22.73
N ILE B 47 -6.99 10.18 -22.73
CA ILE B 47 -7.10 9.38 -21.50
C ILE B 47 -5.70 9.06 -20.93
N GLN B 48 -4.77 8.66 -21.82
CA GLN B 48 -3.39 8.40 -21.47
C GLN B 48 -2.69 9.65 -20.89
N ALA B 49 -3.02 10.88 -21.40
CA ALA B 49 -2.49 12.18 -20.87
C ALA B 49 -3.02 12.39 -19.44
N ALA B 50 -4.32 12.08 -19.23
CA ALA B 50 -4.95 12.20 -17.90
C ALA B 50 -4.31 11.21 -16.90
N TYR B 51 -3.99 9.96 -17.33
CA TYR B 51 -3.29 8.99 -16.43
C TYR B 51 -1.90 9.55 -16.06
N SER B 52 -1.19 10.13 -17.06
CA SER B 52 0.13 10.73 -16.82
C SER B 52 0.04 11.82 -15.74
N ILE B 53 -1.01 12.65 -15.78
CA ILE B 53 -1.21 13.68 -14.74
C ILE B 53 -1.43 12.99 -13.36
N LEU B 54 -2.25 11.93 -13.28
CA LEU B 54 -2.45 11.21 -12.01
C LEU B 54 -1.12 10.59 -11.50
N SER B 55 -0.27 10.10 -12.42
CA SER B 55 1.02 9.53 -12.08
C SER B 55 1.94 10.64 -11.56
N GLU B 56 1.85 11.84 -12.13
CA GLU B 56 2.63 13.00 -11.63
C GLU B 56 2.10 13.43 -10.22
N VAL B 57 0.78 13.33 -9.99
CA VAL B 57 0.22 13.62 -8.64
C VAL B 57 0.81 12.65 -7.62
N GLN B 58 0.76 11.33 -7.91
CA GLN B 58 1.32 10.31 -7.02
C GLN B 58 2.81 10.51 -6.73
N GLN B 59 3.59 10.86 -7.77
CA GLN B 59 5.04 11.12 -7.59
C GLN B 59 5.27 12.36 -6.73
N ALA B 60 4.41 13.38 -6.88
CA ALA B 60 4.53 14.62 -6.09
C ALA B 60 4.08 14.39 -4.63
N VAL B 61 3.11 13.49 -4.41
CA VAL B 61 2.69 13.12 -3.05
C VAL B 61 3.88 12.39 -2.38
N SER B 62 4.49 11.40 -3.07
CA SER B 62 5.62 10.60 -2.56
C SER B 62 6.87 11.45 -2.26
N GLN B 63 7.32 12.28 -3.22
CA GLN B 63 8.48 13.17 -3.04
C GLN B 63 8.27 14.16 -1.89
N GLY B 64 7.00 14.42 -1.58
CA GLY B 64 6.59 15.31 -0.51
C GLY B 64 6.93 16.76 -0.78
N SER B 65 6.38 17.67 0.06
CA SER B 65 6.59 19.12 -0.01
C SER B 65 6.23 19.77 -1.37
N SER B 66 5.46 19.07 -2.23
CA SER B 66 5.04 19.62 -3.52
C SER B 66 3.51 19.86 -3.52
N ASP B 67 2.92 20.22 -2.34
CA ASP B 67 1.47 20.44 -2.16
C ASP B 67 0.89 21.51 -3.10
N SER B 68 1.65 22.58 -3.35
CA SER B 68 1.27 23.64 -4.28
C SER B 68 1.32 23.07 -5.72
N GLN B 69 2.31 22.18 -6.01
CA GLN B 69 2.40 21.54 -7.33
C GLN B 69 1.19 20.64 -7.54
N ILE B 70 0.77 19.92 -6.48
CA ILE B 70 -0.36 18.99 -6.50
C ILE B 70 -1.66 19.72 -6.87
N LEU B 71 -1.85 20.95 -6.36
CA LEU B 71 -3.01 21.78 -6.70
C LEU B 71 -3.04 22.12 -8.19
N ASP B 72 -1.87 22.48 -8.78
CA ASP B 72 -1.79 22.84 -10.21
C ASP B 72 -2.16 21.61 -11.05
N LEU B 73 -1.61 20.45 -10.67
CA LEU B 73 -1.83 19.15 -11.32
C LEU B 73 -3.31 18.76 -11.27
N SER B 74 -3.98 18.97 -10.12
CA SER B 74 -5.41 18.67 -9.99
C SER B 74 -6.20 19.56 -10.96
N ASN B 75 -5.85 20.88 -11.04
CA ASN B 75 -6.52 21.79 -11.95
C ASN B 75 -6.34 21.40 -13.42
N ARG B 76 -5.16 20.86 -13.78
CA ARG B 76 -4.88 20.44 -15.16
C ARG B 76 -5.67 19.19 -15.51
N PHE B 77 -5.89 18.31 -14.51
CA PHE B 77 -6.71 17.11 -14.74
C PHE B 77 -8.13 17.52 -15.16
N TYR B 78 -8.68 18.56 -14.50
CA TYR B 78 -10.01 19.08 -14.80
C TYR B 78 -10.05 19.97 -16.06
N THR B 79 -8.88 20.29 -16.62
CA THR B 79 -8.75 21.02 -17.89
C THR B 79 -8.65 19.96 -19.01
N LEU B 80 -7.96 18.84 -18.76
CA LEU B 80 -7.84 17.75 -19.72
C LEU B 80 -9.18 17.06 -20.00
N ILE B 81 -9.87 16.70 -18.92
CA ILE B 81 -11.18 16.05 -18.95
C ILE B 81 -12.15 17.12 -18.43
N PRO B 82 -12.82 17.92 -19.31
CA PRO B 82 -13.74 18.96 -18.78
C PRO B 82 -14.90 18.40 -17.98
N HIS B 83 -15.04 18.89 -16.74
CA HIS B 83 -16.10 18.47 -15.85
C HIS B 83 -17.11 19.59 -15.64
N ASP B 84 -18.35 19.21 -15.27
CA ASP B 84 -19.44 20.15 -15.00
C ASP B 84 -20.08 19.82 -13.65
N PHE B 85 -19.53 20.43 -12.58
CA PHE B 85 -19.99 20.25 -11.21
C PHE B 85 -21.01 21.31 -10.78
N GLY B 86 -21.59 22.03 -11.75
CA GLY B 86 -22.57 23.06 -11.47
C GLY B 86 -22.03 24.17 -10.59
N MET B 87 -22.57 24.31 -9.37
CA MET B 87 -22.16 25.35 -8.40
C MET B 87 -21.24 24.80 -7.31
N LYS B 88 -20.79 23.55 -7.47
CA LYS B 88 -19.94 22.84 -6.51
C LYS B 88 -18.50 22.83 -6.95
N LYS B 89 -17.59 22.79 -5.98
CA LYS B 89 -16.18 22.71 -6.29
C LYS B 89 -15.88 21.24 -6.62
N PRO B 90 -15.15 20.91 -7.72
CA PRO B 90 -14.83 19.50 -8.00
C PRO B 90 -13.85 18.95 -6.97
N PRO B 91 -13.80 17.61 -6.71
CA PRO B 91 -12.88 17.11 -5.66
C PRO B 91 -11.42 17.38 -5.98
N LEU B 92 -10.69 17.94 -5.03
CA LEU B 92 -9.28 18.25 -5.21
C LEU B 92 -8.47 16.96 -5.30
N LEU B 93 -7.51 16.90 -6.23
CA LEU B 93 -6.71 15.69 -6.36
C LEU B 93 -5.41 15.80 -5.61
N ASN B 94 -5.48 15.76 -4.28
CA ASN B 94 -4.32 15.91 -3.40
C ASN B 94 -4.05 14.70 -2.51
N ASN B 95 -4.83 13.62 -2.70
CA ASN B 95 -4.71 12.41 -1.87
C ASN B 95 -4.89 11.11 -2.64
N ALA B 96 -4.53 9.99 -2.01
CA ALA B 96 -4.61 8.64 -2.59
C ALA B 96 -6.02 8.26 -3.01
N ASP B 97 -7.03 8.58 -2.18
CA ASP B 97 -8.44 8.28 -2.47
C ASP B 97 -8.96 8.96 -3.75
N SER B 98 -8.62 10.26 -3.90
CA SER B 98 -9.04 11.07 -5.05
C SER B 98 -8.40 10.55 -6.33
N VAL B 99 -7.10 10.15 -6.25
CA VAL B 99 -6.35 9.63 -7.40
C VAL B 99 -6.94 8.29 -7.81
N GLN B 100 -7.21 7.41 -6.82
CA GLN B 100 -7.78 6.08 -7.08
C GLN B 100 -9.13 6.17 -7.78
N ALA B 101 -10.02 7.08 -7.31
CA ALA B 101 -11.35 7.26 -7.93
C ALA B 101 -11.19 7.70 -9.40
N LYS B 102 -10.24 8.63 -9.66
CA LYS B 102 -10.00 9.10 -11.02
C LYS B 102 -9.36 8.05 -11.91
N ALA B 103 -8.45 7.22 -11.37
CA ALA B 103 -7.81 6.14 -12.14
C ALA B 103 -8.90 5.13 -12.58
N GLU B 104 -9.84 4.81 -11.66
CA GLU B 104 -10.97 3.91 -11.94
C GLU B 104 -11.86 4.52 -13.02
N MET B 105 -12.16 5.84 -12.93
CA MET B 105 -12.96 6.51 -13.97
C MET B 105 -12.27 6.40 -15.36
N LEU B 106 -10.94 6.66 -15.43
CA LEU B 106 -10.19 6.59 -16.68
C LEU B 106 -10.21 5.17 -17.30
N ASP B 107 -10.09 4.13 -16.44
CA ASP B 107 -10.16 2.74 -16.89
C ASP B 107 -11.50 2.51 -17.61
N ASN B 108 -12.60 3.04 -17.03
CA ASN B 108 -13.94 2.90 -17.60
C ASN B 108 -14.02 3.69 -18.92
N LEU B 109 -13.44 4.91 -18.95
CA LEU B 109 -13.41 5.73 -20.15
C LEU B 109 -12.71 5.00 -21.31
N LEU B 110 -11.68 4.15 -21.01
CA LEU B 110 -11.01 3.38 -22.08
C LEU B 110 -11.96 2.38 -22.74
N ASP B 111 -12.83 1.73 -21.95
CA ASP B 111 -13.81 0.79 -22.51
C ASP B 111 -14.89 1.54 -23.27
N ILE B 112 -15.30 2.73 -22.78
CA ILE B 112 -16.30 3.54 -23.48
C ILE B 112 -15.73 4.00 -24.85
N GLU B 113 -14.47 4.45 -24.86
CA GLU B 113 -13.82 4.90 -26.10
C GLU B 113 -13.72 3.72 -27.12
N VAL B 114 -13.42 2.47 -26.63
CA VAL B 114 -13.37 1.25 -27.46
C VAL B 114 -14.75 0.93 -28.08
N ALA B 115 -15.85 1.06 -27.30
CA ALA B 115 -17.24 0.80 -27.77
C ALA B 115 -17.63 1.78 -28.87
N TYR B 116 -17.39 3.08 -28.63
CA TYR B 116 -17.71 4.15 -29.60
C TYR B 116 -16.89 4.01 -30.88
N SER B 117 -15.57 3.74 -30.79
CA SER B 117 -14.70 3.54 -31.95
C SER B 117 -15.16 2.34 -32.77
N LEU B 118 -15.55 1.26 -32.08
CA LEU B 118 -16.02 0.03 -32.71
C LEU B 118 -17.28 0.28 -33.52
N LEU B 119 -18.23 1.02 -32.94
CA LEU B 119 -19.49 1.42 -33.59
C LEU B 119 -19.24 2.29 -34.85
N ARG B 120 -18.37 3.32 -34.73
CA ARG B 120 -18.06 4.27 -35.80
C ARG B 120 -17.16 3.71 -36.89
N GLY B 121 -16.56 2.55 -36.65
CA GLY B 121 -15.59 1.94 -37.56
C GLY B 121 -16.04 0.74 -38.36
N GLY B 122 -15.06 0.10 -39.00
CA GLY B 122 -15.25 -1.08 -39.85
C GLY B 122 -15.93 -0.75 -41.16
N SER B 123 -16.71 -1.72 -41.68
CA SER B 123 -17.53 -1.60 -42.90
C SER B 123 -19.00 -1.46 -42.53
N ASP B 124 -19.72 -0.66 -43.29
CA ASP B 124 -21.13 -0.39 -43.08
C ASP B 124 -21.93 -0.85 -44.28
N ASP B 125 -22.94 -1.68 -44.02
CA ASP B 125 -23.84 -2.25 -45.01
C ASP B 125 -25.29 -2.08 -44.54
N SER B 126 -26.00 -1.15 -45.20
CA SER B 126 -27.40 -0.79 -44.93
C SER B 126 -28.39 -1.92 -45.22
N SER B 127 -27.98 -2.90 -46.05
CA SER B 127 -28.84 -4.05 -46.38
C SER B 127 -28.95 -5.04 -45.21
N LYS B 128 -28.04 -4.93 -44.19
CA LYS B 128 -28.04 -5.82 -43.03
C LYS B 128 -28.72 -5.17 -41.82
N ASP B 129 -29.29 -6.01 -40.93
CA ASP B 129 -29.87 -5.59 -39.65
C ASP B 129 -28.69 -5.02 -38.81
N PRO B 130 -28.78 -3.79 -38.28
CA PRO B 130 -27.67 -3.24 -37.46
C PRO B 130 -27.30 -4.12 -36.25
N ILE B 131 -28.26 -4.94 -35.75
CA ILE B 131 -28.01 -5.89 -34.64
C ILE B 131 -26.98 -6.94 -35.11
N ASP B 132 -27.15 -7.47 -36.34
CA ASP B 132 -26.19 -8.44 -36.90
C ASP B 132 -24.83 -7.78 -37.19
N VAL B 133 -24.86 -6.52 -37.67
CA VAL B 133 -23.62 -5.77 -37.96
C VAL B 133 -22.85 -5.59 -36.62
N ASN B 134 -23.54 -5.13 -35.57
CA ASN B 134 -22.91 -4.92 -34.27
C ASN B 134 -22.47 -6.22 -33.60
N TYR B 135 -23.23 -7.31 -33.77
CA TYR B 135 -22.85 -8.61 -33.22
C TYR B 135 -21.50 -9.02 -33.81
N GLU B 136 -21.32 -8.89 -35.13
CA GLU B 136 -20.09 -9.29 -35.80
C GLU B 136 -18.88 -8.48 -35.35
N LYS B 137 -19.09 -7.20 -35.00
CA LYS B 137 -18.02 -6.30 -34.50
C LYS B 137 -17.33 -6.83 -33.24
N LEU B 138 -18.04 -7.66 -32.44
CA LEU B 138 -17.53 -8.20 -31.17
C LEU B 138 -16.56 -9.36 -31.34
N LYS B 139 -16.56 -10.02 -32.52
CA LYS B 139 -15.69 -11.18 -32.83
C LYS B 139 -15.76 -12.20 -31.68
N THR B 140 -16.99 -12.45 -31.20
CA THR B 140 -17.28 -13.32 -30.07
C THR B 140 -18.50 -14.16 -30.42
N ASP B 141 -18.40 -15.46 -30.19
CA ASP B 141 -19.55 -16.34 -30.40
C ASP B 141 -20.35 -16.27 -29.08
N ILE B 142 -21.65 -15.91 -29.18
CA ILE B 142 -22.52 -15.78 -28.03
C ILE B 142 -23.67 -16.75 -28.18
N LYS B 143 -23.79 -17.70 -27.25
CA LYS B 143 -24.89 -18.67 -27.28
C LYS B 143 -25.68 -18.59 -26.00
N VAL B 144 -26.99 -18.83 -26.05
CA VAL B 144 -27.84 -18.84 -24.87
C VAL B 144 -27.67 -20.21 -24.19
N VAL B 145 -27.39 -20.23 -22.89
CA VAL B 145 -27.27 -21.50 -22.14
C VAL B 145 -28.70 -21.94 -21.78
N ASP B 146 -29.03 -23.21 -22.09
CA ASP B 146 -30.33 -23.80 -21.76
C ASP B 146 -30.53 -23.75 -20.24
N ARG B 147 -31.65 -23.14 -19.78
CA ARG B 147 -31.99 -23.00 -18.35
C ARG B 147 -32.03 -24.33 -17.57
N ASP B 148 -32.36 -25.44 -18.25
CA ASP B 148 -32.45 -26.74 -17.59
C ASP B 148 -31.16 -27.57 -17.67
N SER B 149 -30.05 -26.95 -18.13
CA SER B 149 -28.77 -27.64 -18.25
C SER B 149 -28.02 -27.73 -16.92
N GLU B 150 -27.00 -28.61 -16.88
CA GLU B 150 -26.10 -28.82 -15.73
C GLU B 150 -25.28 -27.54 -15.47
N GLU B 151 -24.76 -26.89 -16.53
CA GLU B 151 -23.97 -25.66 -16.37
C GLU B 151 -24.83 -24.51 -15.81
N ALA B 152 -26.12 -24.44 -16.22
CA ALA B 152 -27.06 -23.41 -15.73
C ALA B 152 -27.36 -23.58 -14.23
N GLU B 153 -27.59 -24.84 -13.79
CA GLU B 153 -27.83 -25.19 -12.40
C GLU B 153 -26.63 -24.77 -11.53
N ILE B 154 -25.38 -25.05 -11.99
CA ILE B 154 -24.16 -24.71 -11.28
C ILE B 154 -24.04 -23.18 -11.13
N ILE B 155 -24.25 -22.45 -12.25
CA ILE B 155 -24.18 -20.98 -12.28
C ILE B 155 -25.22 -20.37 -11.35
N ARG B 156 -26.48 -20.82 -11.41
CA ARG B 156 -27.53 -20.32 -10.53
C ARG B 156 -27.19 -20.55 -9.05
N LYS B 157 -26.59 -21.71 -8.72
CA LYS B 157 -26.18 -22.05 -7.35
C LYS B 157 -25.08 -21.08 -6.86
N TYR B 158 -24.13 -20.76 -7.77
CA TYR B 158 -23.02 -19.84 -7.49
C TYR B 158 -23.61 -18.47 -7.16
N VAL B 159 -24.62 -17.99 -7.96
CA VAL B 159 -25.30 -16.72 -7.71
C VAL B 159 -26.05 -16.77 -6.34
N LYS B 160 -26.83 -17.82 -6.13
CA LYS B 160 -27.66 -18.00 -4.96
C LYS B 160 -26.88 -18.08 -3.65
N ASN B 161 -25.70 -18.71 -3.66
CA ASN B 161 -24.91 -18.97 -2.47
C ASN B 161 -23.89 -17.95 -2.07
N THR B 162 -23.45 -17.07 -3.00
CA THR B 162 -22.36 -16.15 -2.70
C THR B 162 -22.78 -14.67 -2.67
N HIS B 163 -24.04 -14.39 -2.32
CA HIS B 163 -24.49 -13.00 -2.17
C HIS B 163 -24.23 -12.67 -0.70
N ALA B 164 -23.26 -11.77 -0.41
CA ALA B 164 -22.89 -11.35 0.95
C ALA B 164 -24.05 -10.68 1.70
N THR B 165 -24.23 -11.02 2.99
CA THR B 165 -25.28 -10.42 3.83
C THR B 165 -25.15 -8.91 3.89
N THR B 166 -23.92 -8.38 3.98
CA THR B 166 -23.67 -6.94 4.03
C THR B 166 -24.11 -6.22 2.76
N HIS B 167 -24.27 -6.98 1.64
CA HIS B 167 -24.67 -6.41 0.35
C HIS B 167 -26.18 -6.42 0.23
N ASN B 168 -26.85 -5.84 1.24
CA ASN B 168 -28.29 -5.75 1.37
C ASN B 168 -28.82 -4.64 0.46
N ALA B 169 -30.10 -4.29 0.59
CA ALA B 169 -30.72 -3.25 -0.23
C ALA B 169 -30.75 -3.57 -1.76
N TYR B 170 -30.55 -4.86 -2.15
CA TYR B 170 -30.69 -5.46 -3.48
C TYR B 170 -30.55 -7.00 -3.45
N ASP B 171 -31.45 -7.67 -4.18
CA ASP B 171 -31.48 -9.12 -4.43
C ASP B 171 -31.11 -9.30 -5.94
N LEU B 172 -30.54 -10.47 -6.32
CA LEU B 172 -30.21 -10.71 -7.75
C LEU B 172 -31.07 -11.78 -8.33
N GLU B 173 -31.50 -11.55 -9.57
CA GLU B 173 -32.31 -12.49 -10.33
C GLU B 173 -31.58 -12.67 -11.67
N VAL B 174 -31.23 -13.92 -12.02
CA VAL B 174 -30.55 -14.24 -13.27
C VAL B 174 -31.58 -14.21 -14.39
N ILE B 175 -31.40 -13.33 -15.39
CA ILE B 175 -32.32 -13.23 -16.52
C ILE B 175 -31.86 -14.19 -17.64
N ASP B 176 -30.61 -14.04 -18.08
CA ASP B 176 -30.06 -14.87 -19.16
C ASP B 176 -28.66 -15.26 -18.82
N ILE B 177 -28.28 -16.46 -19.26
CA ILE B 177 -26.91 -16.93 -19.10
C ILE B 177 -26.43 -17.17 -20.54
N PHE B 178 -25.33 -16.52 -20.90
CA PHE B 178 -24.71 -16.68 -22.22
C PHE B 178 -23.38 -17.38 -22.07
N LYS B 179 -23.09 -18.26 -23.02
CA LYS B 179 -21.81 -18.94 -23.12
C LYS B 179 -21.08 -18.11 -24.19
N ILE B 180 -19.90 -17.60 -23.85
CA ILE B 180 -19.15 -16.72 -24.73
C ILE B 180 -17.79 -17.30 -25.11
N GLU B 181 -17.37 -17.03 -26.35
CA GLU B 181 -16.09 -17.45 -26.87
C GLU B 181 -15.50 -16.36 -27.75
N ARG B 182 -14.58 -15.58 -27.19
CA ARG B 182 -13.90 -14.51 -27.91
C ARG B 182 -12.92 -15.14 -28.90
N GLU B 183 -12.92 -14.69 -30.14
CA GLU B 183 -12.01 -15.19 -31.18
C GLU B 183 -10.55 -15.02 -30.71
N GLY B 184 -9.79 -16.11 -30.77
CA GLY B 184 -8.38 -16.12 -30.40
C GLY B 184 -8.09 -16.28 -28.92
N GLU B 185 -9.12 -16.18 -28.04
CA GLU B 185 -8.86 -16.24 -26.60
C GLU B 185 -8.42 -17.64 -26.12
N CYS B 186 -9.06 -18.70 -26.66
CA CYS B 186 -8.71 -20.07 -26.34
C CYS B 186 -7.23 -20.34 -26.69
N GLN B 187 -6.77 -19.90 -27.89
CA GLN B 187 -5.37 -20.04 -28.32
C GLN B 187 -4.44 -19.26 -27.39
N ARG B 188 -4.84 -18.02 -27.00
CA ARG B 188 -4.05 -17.16 -26.10
C ARG B 188 -3.89 -17.80 -24.72
N TYR B 189 -4.94 -18.47 -24.24
CA TYR B 189 -4.97 -19.10 -22.94
C TYR B 189 -4.20 -20.44 -22.83
N LYS B 190 -3.92 -21.11 -23.99
CA LYS B 190 -3.28 -22.44 -24.07
C LYS B 190 -2.06 -22.63 -23.13
N PRO B 191 -1.07 -21.71 -22.99
CA PRO B 191 0.04 -21.96 -22.03
C PRO B 191 -0.40 -22.12 -20.57
N PHE B 192 -1.57 -21.56 -20.22
CA PHE B 192 -2.11 -21.59 -18.86
C PHE B 192 -3.26 -22.58 -18.65
N LYS B 193 -3.71 -23.27 -19.73
CA LYS B 193 -4.87 -24.18 -19.71
C LYS B 193 -4.72 -25.40 -18.77
N GLN B 194 -3.49 -25.78 -18.40
CA GLN B 194 -3.27 -26.91 -17.51
C GLN B 194 -2.61 -26.51 -16.19
N LEU B 195 -2.47 -25.19 -15.96
CA LEU B 195 -1.87 -24.65 -14.73
C LEU B 195 -2.72 -25.07 -13.55
N HIS B 196 -2.10 -25.26 -12.39
CA HIS B 196 -2.87 -25.64 -11.22
C HIS B 196 -3.64 -24.42 -10.75
N ASN B 197 -4.65 -24.64 -9.91
CA ASN B 197 -5.45 -23.58 -9.31
C ASN B 197 -6.21 -22.72 -10.35
N ARG B 198 -6.88 -23.38 -11.29
CA ARG B 198 -7.72 -22.68 -12.25
C ARG B 198 -9.08 -22.54 -11.57
N ARG B 199 -9.65 -21.33 -11.53
CA ARG B 199 -10.88 -21.06 -10.80
C ARG B 199 -11.87 -20.28 -11.64
N LEU B 200 -13.17 -20.55 -11.46
CA LEU B 200 -14.22 -19.85 -12.16
C LEU B 200 -14.64 -18.70 -11.25
N LEU B 201 -14.29 -17.47 -11.67
CA LEU B 201 -14.48 -16.28 -10.85
C LEU B 201 -15.29 -15.21 -11.55
N TRP B 202 -15.88 -14.33 -10.74
CA TRP B 202 -16.74 -13.25 -11.18
C TRP B 202 -15.96 -11.99 -11.55
N HIS B 203 -16.49 -11.26 -12.53
CA HIS B 203 -15.96 -9.94 -12.86
C HIS B 203 -17.15 -9.12 -13.34
N GLY B 204 -17.56 -8.16 -12.51
CA GLY B 204 -18.62 -7.23 -12.83
C GLY B 204 -18.04 -5.97 -13.49
N SER B 205 -18.85 -5.33 -14.32
CA SER B 205 -18.51 -4.10 -15.02
C SER B 205 -19.77 -3.38 -15.45
N ARG B 206 -19.69 -2.09 -15.71
CA ARG B 206 -20.86 -1.36 -16.19
C ARG B 206 -21.28 -1.88 -17.59
N THR B 207 -22.57 -1.82 -17.92
CA THR B 207 -23.08 -2.31 -19.23
C THR B 207 -22.31 -1.66 -20.39
N THR B 208 -21.96 -0.36 -20.22
CA THR B 208 -21.19 0.47 -21.18
C THR B 208 -19.74 -0.03 -21.41
N ASN B 209 -19.25 -1.00 -20.62
CA ASN B 209 -17.90 -1.56 -20.80
C ASN B 209 -17.92 -2.84 -21.65
N PHE B 210 -19.08 -3.47 -21.80
CA PHE B 210 -19.12 -4.82 -22.41
C PHE B 210 -18.84 -4.90 -23.91
N ALA B 211 -19.06 -3.84 -24.69
CA ALA B 211 -18.65 -3.92 -26.10
C ALA B 211 -17.09 -3.96 -26.11
N GLY B 212 -16.46 -3.21 -25.21
CA GLY B 212 -15.01 -3.22 -25.07
C GLY B 212 -14.48 -4.55 -24.57
N ILE B 213 -15.14 -5.14 -23.55
CA ILE B 213 -14.71 -6.40 -22.97
C ILE B 213 -14.86 -7.51 -23.98
N LEU B 214 -15.98 -7.58 -24.69
CA LEU B 214 -16.17 -8.70 -25.64
C LEU B 214 -15.24 -8.59 -26.85
N SER B 215 -14.99 -7.36 -27.35
CA SER B 215 -14.10 -7.23 -28.49
C SER B 215 -12.62 -7.33 -28.13
N GLN B 216 -12.18 -6.70 -27.01
CA GLN B 216 -10.76 -6.69 -26.63
C GLN B 216 -10.37 -7.61 -25.46
N GLY B 217 -11.35 -8.18 -24.79
CA GLY B 217 -11.13 -9.01 -23.61
C GLY B 217 -10.93 -8.14 -22.37
N LEU B 218 -10.69 -8.80 -21.21
CA LEU B 218 -10.40 -8.01 -20.02
C LEU B 218 -8.97 -7.52 -20.17
N ARG B 219 -8.72 -6.27 -19.83
CA ARG B 219 -7.39 -5.69 -20.02
C ARG B 219 -6.94 -4.99 -18.76
N ILE B 220 -5.64 -4.68 -18.73
CA ILE B 220 -4.98 -4.01 -17.61
C ILE B 220 -4.82 -2.53 -17.97
N ALA B 221 -4.93 -1.63 -16.99
CA ALA B 221 -4.71 -0.21 -17.22
C ALA B 221 -3.34 -0.01 -17.89
N PRO B 222 -3.23 0.99 -18.81
CA PRO B 222 -1.97 1.15 -19.59
C PRO B 222 -0.74 1.56 -18.77
N PRO B 223 0.48 1.48 -19.37
CA PRO B 223 1.69 1.86 -18.63
C PRO B 223 1.64 3.25 -18.00
N GLU B 224 0.93 4.23 -18.66
CA GLU B 224 0.82 5.63 -18.14
C GLU B 224 0.09 5.69 -16.78
N ALA B 225 -0.82 4.72 -16.50
CA ALA B 225 -1.65 4.66 -15.26
C ALA B 225 -0.80 4.53 -13.99
N PRO B 226 -1.17 5.23 -12.88
CA PRO B 226 -0.37 5.14 -11.65
C PRO B 226 -0.56 3.78 -10.96
N VAL B 227 0.52 3.03 -10.74
CA VAL B 227 0.43 1.72 -10.04
C VAL B 227 -0.23 1.88 -8.63
N THR B 228 -0.04 3.05 -7.96
CA THR B 228 -0.61 3.31 -6.64
C THR B 228 -2.07 3.64 -6.71
N GLY B 229 -2.61 3.73 -7.93
CA GLY B 229 -4.02 4.02 -8.14
C GLY B 229 -4.90 2.80 -7.93
N TYR B 230 -4.31 1.61 -7.67
CA TYR B 230 -5.01 0.32 -7.54
C TYR B 230 -4.43 -0.44 -6.34
N MET B 231 -5.33 -1.01 -5.51
CA MET B 231 -4.97 -1.66 -4.25
C MET B 231 -3.81 -2.68 -4.36
N PHE B 232 -3.86 -3.54 -5.39
CA PHE B 232 -2.84 -4.56 -5.67
C PHE B 232 -2.11 -4.30 -7.01
N GLY B 233 -2.00 -3.05 -7.39
CA GLY B 233 -1.31 -2.72 -8.63
C GLY B 233 -2.16 -2.97 -9.87
N LYS B 234 -1.53 -2.85 -11.03
CA LYS B 234 -2.26 -2.94 -12.30
C LYS B 234 -2.43 -4.37 -12.77
N GLY B 235 -3.63 -4.89 -12.61
CA GLY B 235 -3.93 -6.25 -13.05
C GLY B 235 -5.40 -6.35 -13.38
N ILE B 236 -5.88 -7.57 -13.54
CA ILE B 236 -7.30 -7.86 -13.76
C ILE B 236 -7.81 -8.46 -12.45
N TYR B 237 -8.84 -7.83 -11.86
CA TYR B 237 -9.40 -8.14 -10.56
C TYR B 237 -10.67 -8.99 -10.65
N PHE B 238 -10.79 -10.02 -9.80
CA PHE B 238 -11.94 -10.92 -9.77
C PHE B 238 -12.38 -11.19 -8.35
N ALA B 239 -13.60 -11.66 -8.18
CA ALA B 239 -14.12 -12.03 -6.85
C ALA B 239 -14.73 -13.41 -6.88
N ASP B 240 -14.83 -14.07 -5.69
CA ASP B 240 -15.51 -15.36 -5.58
C ASP B 240 -16.92 -15.17 -4.96
N MET B 241 -17.29 -13.94 -4.58
CA MET B 241 -18.63 -13.61 -4.07
C MET B 241 -19.37 -12.83 -5.17
N VAL B 242 -20.50 -13.35 -5.67
CA VAL B 242 -21.24 -12.69 -6.77
C VAL B 242 -21.55 -11.21 -6.45
N SER B 243 -22.00 -10.90 -5.22
CA SER B 243 -22.38 -9.54 -4.82
C SER B 243 -21.18 -8.58 -4.81
N LYS B 244 -19.98 -9.07 -4.45
CA LYS B 244 -18.78 -8.20 -4.49
C LYS B 244 -18.58 -7.72 -5.95
N SER B 245 -18.64 -8.64 -6.90
CA SER B 245 -18.47 -8.29 -8.32
C SER B 245 -19.68 -7.52 -8.85
N ALA B 246 -20.93 -7.86 -8.41
CA ALA B 246 -22.16 -7.18 -8.84
C ALA B 246 -22.13 -5.68 -8.45
N ASN B 247 -21.44 -5.31 -7.33
CA ASN B 247 -21.31 -3.90 -6.98
C ASN B 247 -20.55 -3.10 -8.07
N TYR B 248 -19.66 -3.76 -8.83
CA TYR B 248 -18.91 -3.14 -9.93
C TYR B 248 -19.78 -2.89 -11.18
N CYS B 249 -21.05 -3.38 -11.18
CA CYS B 249 -21.98 -3.13 -12.29
C CYS B 249 -22.47 -1.67 -12.21
N HIS B 250 -22.49 -1.09 -10.98
CA HIS B 250 -22.99 0.27 -10.68
C HIS B 250 -24.43 0.47 -11.16
N THR B 251 -25.29 -0.52 -10.91
CA THR B 251 -26.70 -0.46 -11.25
C THR B 251 -27.40 0.38 -10.17
N SER B 252 -28.60 0.87 -10.46
CA SER B 252 -29.37 1.70 -9.55
C SER B 252 -30.85 1.47 -9.80
N GLN B 253 -31.71 2.12 -9.01
CA GLN B 253 -33.17 2.08 -9.14
C GLN B 253 -33.57 2.50 -10.56
N GLY B 254 -32.90 3.53 -11.09
CA GLY B 254 -33.13 4.07 -12.43
C GLY B 254 -32.56 3.28 -13.58
N ASP B 255 -31.69 2.27 -13.29
CA ASP B 255 -31.02 1.41 -14.27
C ASP B 255 -30.69 0.07 -13.56
N PRO B 256 -31.70 -0.84 -13.34
CA PRO B 256 -31.47 -2.04 -12.52
C PRO B 256 -30.98 -3.30 -13.23
N ILE B 257 -30.64 -3.22 -14.51
CA ILE B 257 -30.18 -4.40 -15.24
C ILE B 257 -28.67 -4.28 -15.39
N GLY B 258 -27.97 -5.31 -14.96
CA GLY B 258 -26.52 -5.38 -15.07
C GLY B 258 -26.01 -6.62 -15.78
N LEU B 259 -24.71 -6.62 -16.08
CA LEU B 259 -24.01 -7.70 -16.74
C LEU B 259 -22.80 -8.08 -15.90
N ILE B 260 -22.57 -9.37 -15.78
CA ILE B 260 -21.44 -9.89 -14.99
C ILE B 260 -20.81 -11.09 -15.70
N LEU B 261 -19.50 -11.17 -15.69
CA LEU B 261 -18.78 -12.28 -16.31
C LEU B 261 -18.40 -13.38 -15.34
N LEU B 262 -18.30 -14.60 -15.87
CA LEU B 262 -17.65 -15.72 -15.21
C LEU B 262 -16.46 -16.04 -16.12
N GLY B 263 -15.27 -15.96 -15.54
CA GLY B 263 -14.03 -16.22 -16.27
C GLY B 263 -13.24 -17.34 -15.63
N GLU B 264 -12.59 -18.15 -16.45
CA GLU B 264 -11.69 -19.16 -15.96
C GLU B 264 -10.37 -18.42 -15.81
N VAL B 265 -9.85 -18.38 -14.58
CA VAL B 265 -8.62 -17.64 -14.27
C VAL B 265 -7.56 -18.64 -13.81
N ALA B 266 -6.41 -18.65 -14.50
CA ALA B 266 -5.30 -19.52 -14.14
C ALA B 266 -4.48 -18.85 -13.03
N LEU B 267 -4.83 -19.14 -11.77
CA LEU B 267 -4.22 -18.51 -10.61
C LEU B 267 -2.85 -19.03 -10.25
N GLY B 268 -2.62 -20.33 -10.48
CA GLY B 268 -1.35 -20.98 -10.17
C GLY B 268 -0.92 -20.76 -8.74
N ASN B 269 0.35 -20.39 -8.55
CA ASN B 269 0.88 -20.12 -7.22
C ASN B 269 0.49 -18.72 -6.77
N MET B 270 -0.42 -18.63 -5.79
CA MET B 270 -0.97 -17.36 -5.32
C MET B 270 -0.09 -16.66 -4.30
N TYR B 271 0.11 -15.35 -4.50
CA TYR B 271 0.82 -14.49 -3.57
C TYR B 271 -0.29 -13.91 -2.65
N GLU B 272 -0.36 -14.41 -1.42
CA GLU B 272 -1.44 -14.09 -0.49
C GLU B 272 -1.18 -12.83 0.30
N LEU B 273 -2.10 -11.84 0.18
CA LEU B 273 -1.95 -10.53 0.82
C LEU B 273 -3.17 -10.09 1.58
N LYS B 274 -2.96 -9.34 2.67
CA LYS B 274 -4.04 -8.86 3.52
C LYS B 274 -4.29 -7.36 3.41
N HIS B 275 -3.31 -6.62 2.88
CA HIS B 275 -3.37 -5.17 2.76
C HIS B 275 -2.78 -4.73 1.43
N ALA B 276 -3.01 -3.45 1.07
CA ALA B 276 -2.54 -2.89 -0.20
C ALA B 276 -1.05 -3.14 -0.46
N SER B 277 -0.75 -3.50 -1.71
CA SER B 277 0.60 -3.71 -2.18
C SER B 277 0.60 -3.28 -3.64
N HIS B 278 1.16 -2.09 -3.91
CA HIS B 278 1.14 -1.50 -5.26
C HIS B 278 2.28 -2.05 -6.08
N ILE B 279 2.17 -3.33 -6.46
CA ILE B 279 3.24 -4.03 -7.14
C ILE B 279 3.23 -3.83 -8.64
N SER B 280 4.47 -3.77 -9.21
CA SER B 280 4.69 -3.65 -10.65
C SER B 280 4.69 -5.04 -11.29
N LYS B 281 5.41 -5.97 -10.63
CA LYS B 281 5.63 -7.36 -11.02
C LYS B 281 5.38 -8.27 -9.81
N LEU B 282 5.11 -9.56 -10.07
CA LEU B 282 4.91 -10.53 -8.99
C LEU B 282 6.26 -11.08 -8.52
N PRO B 283 6.38 -11.53 -7.25
CA PRO B 283 7.63 -12.21 -6.82
C PRO B 283 7.84 -13.46 -7.69
N LYS B 284 9.11 -13.82 -8.00
CA LYS B 284 9.39 -14.98 -8.87
C LYS B 284 8.73 -16.27 -8.37
N GLY B 285 8.10 -17.00 -9.28
CA GLY B 285 7.39 -18.22 -8.93
C GLY B 285 5.91 -18.02 -8.66
N LYS B 286 5.47 -16.76 -8.46
CA LYS B 286 4.06 -16.44 -8.23
C LYS B 286 3.35 -16.08 -9.55
N HIS B 287 2.06 -16.47 -9.69
CA HIS B 287 1.28 -16.23 -10.91
C HIS B 287 0.10 -15.31 -10.71
N SER B 288 -0.26 -15.05 -9.45
CA SER B 288 -1.41 -14.20 -9.12
C SER B 288 -1.30 -13.70 -7.71
N VAL B 289 -2.17 -12.75 -7.35
CA VAL B 289 -2.31 -12.28 -5.99
C VAL B 289 -3.68 -12.72 -5.49
N LYS B 290 -3.75 -13.16 -4.23
CA LYS B 290 -5.03 -13.43 -3.58
C LYS B 290 -5.10 -12.48 -2.40
N GLY B 291 -6.04 -11.54 -2.46
CA GLY B 291 -6.35 -10.64 -1.37
C GLY B 291 -7.24 -11.43 -0.43
N LEU B 292 -6.78 -11.68 0.81
CA LEU B 292 -7.46 -12.52 1.79
C LEU B 292 -8.61 -11.82 2.47
N GLY B 293 -9.81 -12.29 2.23
CA GLY B 293 -10.97 -11.71 2.89
C GLY B 293 -11.24 -12.36 4.23
N LYS B 294 -12.00 -11.66 5.08
CA LYS B 294 -12.47 -12.10 6.40
C LYS B 294 -13.46 -13.28 6.21
N THR B 295 -14.25 -13.23 5.12
CA THR B 295 -15.24 -14.24 4.73
C THR B 295 -14.84 -14.91 3.41
N THR B 296 -15.04 -16.23 3.34
CA THR B 296 -14.73 -17.01 2.14
C THR B 296 -15.87 -17.98 1.85
N PRO B 297 -16.18 -18.31 0.56
CA PRO B 297 -17.15 -19.38 0.31
C PRO B 297 -16.59 -20.66 0.95
N ASP B 298 -17.45 -21.47 1.60
CA ASP B 298 -17.06 -22.71 2.28
C ASP B 298 -16.25 -23.65 1.36
N PRO B 299 -14.94 -23.86 1.64
CA PRO B 299 -14.10 -24.68 0.75
C PRO B 299 -14.53 -26.13 0.54
N SER B 300 -15.30 -26.71 1.48
CA SER B 300 -15.78 -28.10 1.34
C SER B 300 -16.89 -28.21 0.31
N ALA B 301 -17.53 -27.06 -0.05
CA ALA B 301 -18.61 -27.04 -1.04
C ALA B 301 -18.14 -26.73 -2.48
N ASN B 302 -16.80 -26.56 -2.67
CA ASN B 302 -16.19 -26.32 -4.00
C ASN B 302 -16.53 -27.47 -4.93
N ILE B 303 -16.98 -27.16 -6.15
CA ILE B 303 -17.33 -28.15 -7.15
C ILE B 303 -16.49 -27.93 -8.43
N SER B 304 -16.58 -28.86 -9.38
CA SER B 304 -15.83 -28.76 -10.64
C SER B 304 -16.77 -28.66 -11.84
N LEU B 305 -16.48 -27.71 -12.75
CA LEU B 305 -17.22 -27.50 -13.99
C LEU B 305 -16.18 -27.48 -15.11
N ASP B 306 -16.14 -28.57 -15.91
CA ASP B 306 -15.19 -28.79 -17.01
C ASP B 306 -13.72 -28.66 -16.55
N GLY B 307 -13.40 -29.28 -15.41
CA GLY B 307 -12.05 -29.27 -14.82
C GLY B 307 -11.65 -28.00 -14.10
N VAL B 308 -12.57 -27.05 -13.95
CA VAL B 308 -12.27 -25.78 -13.27
C VAL B 308 -13.00 -25.74 -11.91
N ASP B 309 -12.30 -25.32 -10.84
CA ASP B 309 -12.90 -25.18 -9.51
C ASP B 309 -13.89 -24.02 -9.46
N VAL B 310 -15.08 -24.30 -8.94
CA VAL B 310 -16.15 -23.32 -8.78
C VAL B 310 -16.39 -23.14 -7.27
N PRO B 311 -15.97 -22.01 -6.67
CA PRO B 311 -16.14 -21.83 -5.21
C PRO B 311 -17.56 -21.34 -4.85
N LEU B 312 -18.56 -22.22 -5.02
CA LEU B 312 -19.94 -21.82 -4.81
C LEU B 312 -20.52 -22.07 -3.38
N GLY B 313 -19.67 -22.35 -2.40
CA GLY B 313 -20.15 -22.55 -1.03
C GLY B 313 -20.66 -21.28 -0.39
N THR B 314 -21.52 -21.39 0.65
CA THR B 314 -22.02 -20.21 1.37
C THR B 314 -20.86 -19.59 2.16
N GLY B 315 -20.93 -18.27 2.40
CA GLY B 315 -19.89 -17.52 3.09
C GLY B 315 -19.67 -17.94 4.54
N ILE B 316 -18.41 -18.19 4.91
CA ILE B 316 -18.01 -18.58 6.28
C ILE B 316 -16.76 -17.78 6.66
N SER B 317 -16.39 -17.79 7.95
CA SER B 317 -15.17 -17.13 8.39
C SER B 317 -13.97 -17.83 7.75
N SER B 318 -13.02 -17.04 7.21
CA SER B 318 -11.80 -17.56 6.59
C SER B 318 -10.78 -17.97 7.65
N GLY B 319 -10.89 -17.37 8.82
CA GLY B 319 -9.95 -17.57 9.92
C GLY B 319 -8.78 -16.60 9.79
N VAL B 320 -8.81 -15.74 8.74
CA VAL B 320 -7.78 -14.72 8.50
C VAL B 320 -8.09 -13.55 9.43
N ASN B 321 -7.08 -13.13 10.17
CA ASN B 321 -7.18 -12.01 11.11
C ASN B 321 -6.42 -10.81 10.58
N ASP B 322 -6.89 -9.60 10.97
CA ASP B 322 -6.29 -8.31 10.65
C ASP B 322 -6.10 -8.15 9.14
N THR B 323 -7.20 -8.18 8.40
CA THR B 323 -7.17 -7.99 6.94
C THR B 323 -7.94 -6.73 6.57
N SER B 324 -7.56 -6.08 5.48
CA SER B 324 -8.26 -4.89 5.01
C SER B 324 -9.52 -5.31 4.22
N LEU B 325 -9.64 -6.61 3.90
CA LEU B 325 -10.73 -7.10 3.05
C LEU B 325 -11.82 -7.87 3.74
N LEU B 326 -13.07 -7.54 3.40
CA LEU B 326 -14.23 -8.27 3.90
C LEU B 326 -14.35 -9.59 3.15
N TYR B 327 -14.09 -9.57 1.83
CA TYR B 327 -14.18 -10.74 0.95
C TYR B 327 -12.92 -10.91 0.10
N ASN B 328 -12.68 -12.14 -0.39
CA ASN B 328 -11.50 -12.40 -1.21
C ASN B 328 -11.51 -11.59 -2.51
N GLU B 329 -10.35 -11.44 -3.10
CA GLU B 329 -10.18 -10.92 -4.46
C GLU B 329 -8.95 -11.55 -5.05
N TYR B 330 -8.97 -11.75 -6.36
CA TYR B 330 -7.93 -12.42 -7.11
C TYR B 330 -7.47 -11.50 -8.21
N ILE B 331 -6.14 -11.36 -8.37
CA ILE B 331 -5.58 -10.48 -9.39
C ILE B 331 -4.57 -11.21 -10.26
N VAL B 332 -4.67 -11.10 -11.60
CA VAL B 332 -3.69 -11.64 -12.53
C VAL B 332 -3.03 -10.45 -13.25
N TYR B 333 -1.76 -10.60 -13.65
CA TYR B 333 -0.97 -9.50 -14.19
C TYR B 333 -0.55 -9.72 -15.64
N ASP B 334 -1.15 -10.73 -16.28
CA ASP B 334 -0.96 -11.08 -17.68
C ASP B 334 -2.38 -11.36 -18.20
N ILE B 335 -2.80 -10.62 -19.23
CA ILE B 335 -4.14 -10.76 -19.82
C ILE B 335 -4.41 -12.18 -20.36
N ALA B 336 -3.33 -12.92 -20.72
CA ALA B 336 -3.46 -14.29 -21.26
C ALA B 336 -3.90 -15.31 -20.19
N GLN B 337 -3.90 -14.93 -18.90
CA GLN B 337 -4.29 -15.82 -17.79
C GLN B 337 -5.82 -15.91 -17.57
N VAL B 338 -6.60 -15.28 -18.47
CA VAL B 338 -8.06 -15.22 -18.36
C VAL B 338 -8.70 -15.80 -19.61
N ASN B 339 -9.71 -16.67 -19.43
CA ASN B 339 -10.50 -17.20 -20.51
C ASN B 339 -11.97 -16.99 -20.12
N LEU B 340 -12.60 -15.97 -20.72
CA LEU B 340 -14.00 -15.65 -20.40
C LEU B 340 -14.89 -16.80 -20.87
N LYS B 341 -15.79 -17.23 -19.99
CA LYS B 341 -16.66 -18.39 -20.27
C LYS B 341 -18.11 -18.06 -20.37
N TYR B 342 -18.62 -17.24 -19.44
CA TYR B 342 -20.06 -16.94 -19.42
C TYR B 342 -20.29 -15.47 -19.17
N LEU B 343 -21.45 -15.01 -19.61
CA LEU B 343 -21.91 -13.66 -19.37
C LEU B 343 -23.34 -13.76 -18.88
N LEU B 344 -23.60 -13.19 -17.70
CA LEU B 344 -24.94 -13.23 -17.09
C LEU B 344 -25.58 -11.84 -17.13
N LYS B 345 -26.84 -11.81 -17.50
CA LYS B 345 -27.66 -10.60 -17.47
C LYS B 345 -28.48 -10.74 -16.18
N LEU B 346 -28.30 -9.78 -15.26
CA LEU B 346 -28.92 -9.78 -13.94
C LEU B 346 -29.90 -8.65 -13.73
N LYS B 347 -30.99 -8.95 -13.01
CA LYS B 347 -31.94 -7.95 -12.60
C LYS B 347 -31.66 -7.68 -11.12
N PHE B 348 -31.34 -6.43 -10.78
CA PHE B 348 -31.09 -6.03 -9.39
C PHE B 348 -32.42 -5.54 -8.80
N ASN B 349 -32.89 -6.19 -7.76
CA ASN B 349 -34.14 -5.78 -7.12
C ASN B 349 -33.80 -5.09 -5.79
N PHE B 350 -33.72 -3.74 -5.83
CA PHE B 350 -33.36 -2.89 -4.71
C PHE B 350 -34.45 -2.84 -3.63
N LYS B 351 -34.00 -2.76 -2.36
CA LYS B 351 -34.86 -2.72 -1.17
C LYS B 351 -34.80 -1.36 -0.47
N THR B 352 -35.89 -1.00 0.24
CA THR B 352 -36.01 0.24 1.00
C THR B 352 -36.30 -0.02 2.48
#